data_3OJO
#
_entry.id   3OJO
#
_cell.length_a   40.220
_cell.length_b   131.497
_cell.length_c   158.820
_cell.angle_alpha   90.00
_cell.angle_beta   90.00
_cell.angle_gamma   90.00
#
_symmetry.space_group_name_H-M   'P 21 21 21'
#
loop_
_entity.id
_entity.type
_entity.pdbx_description
1 polymer Cap5O
2 non-polymer NICOTINAMIDE-ADENINE-DINUCLEOTIDE
3 non-polymer 'PYRIDINE-2,6-DICARBOXYLIC ACID'
4 non-polymer 'EUROPIUM ION'
5 water water
#
_entity_poly.entity_id   1
_entity_poly.type   'polypeptide(L)'
_entity_poly.pdbx_seq_one_letter_code
;MRGSHHHHHHGSKLTVVGLGYIGLPTSIMFAKHGVDVLGVDINQQTIDKLQNGQISIEEPGLQEVYEEVLSSGKLKVSTT
PEASDVFIIAVPTPNNDDQYRSCDISLVMRALDSILPFLKKGNTIIVESTIAPKTMDDFVKPVIENLGFTIGEDIYLVHC
PERVLPGKILEELVHNNRIIGGVTKACIEAGKRVYRTFVQGEMIETDARTAEMSKLMENTYRDVNIALANELTKICNNLN
INVLDVIEMANKHPRVNIHQPGPGVGGHCLAVDPYFIIAKDPENAKLIQTGREINNSMPAYVVDTTKQIIKALSGNKVTV
FGLTYKGDVDDIRESPAFDIYELLNQEPDIEVCAYDPHVELDFVEHDMSHAVKDASLVLILSDHSEFKNLSDSHFDKMKH
KVIFDTKNVVKSSFEDVLYYNYGNIFNFIDK
;
_entity_poly.pdbx_strand_id   A,B
#
loop_
_chem_comp.id
_chem_comp.type
_chem_comp.name
_chem_comp.formula
EU non-polymer 'EUROPIUM ION' 'Eu 2'
NAD non-polymer NICOTINAMIDE-ADENINE-DINUCLEOTIDE 'C21 H27 N7 O14 P2'
PDC non-polymer 'PYRIDINE-2,6-DICARBOXYLIC ACID' 'C7 H5 N O4'
#
# COMPACT_ATOMS: atom_id res chain seq x y z
N SER A 12 -36.70 -21.91 -16.83
CA SER A 12 -35.88 -21.94 -15.62
C SER A 12 -36.39 -21.01 -14.52
N LYS A 13 -36.27 -21.48 -13.26
CA LYS A 13 -36.70 -20.73 -12.07
C LYS A 13 -35.52 -20.35 -11.16
N LEU A 14 -35.54 -19.10 -10.66
CA LEU A 14 -34.51 -18.60 -9.75
C LEU A 14 -35.10 -17.93 -8.51
N THR A 15 -34.56 -18.28 -7.34
CA THR A 15 -34.92 -17.64 -6.09
C THR A 15 -33.74 -16.76 -5.61
N VAL A 16 -34.04 -15.49 -5.31
CA VAL A 16 -33.08 -14.53 -4.77
C VAL A 16 -33.46 -14.33 -3.29
N VAL A 17 -32.58 -14.75 -2.38
CA VAL A 17 -32.81 -14.62 -0.95
C VAL A 17 -32.14 -13.33 -0.43
N GLY A 18 -32.93 -12.35 -0.04
CA GLY A 18 -32.49 -11.05 0.45
C GLY A 18 -32.67 -10.00 -0.62
N LEU A 19 -33.65 -9.09 -0.47
CA LEU A 19 -34.02 -8.09 -1.47
C LEU A 19 -33.65 -6.64 -1.16
N GLY A 20 -32.37 -6.43 -0.88
CA GLY A 20 -31.83 -5.09 -0.61
C GLY A 20 -31.20 -4.49 -1.85
N TYR A 21 -30.14 -3.70 -1.65
CA TYR A 21 -29.39 -3.03 -2.72
C TYR A 21 -28.73 -3.97 -3.73
N ILE A 22 -28.41 -5.19 -3.29
CA ILE A 22 -27.84 -6.26 -4.10
C ILE A 22 -28.95 -7.16 -4.72
N GLY A 23 -29.77 -7.77 -3.87
CA GLY A 23 -30.81 -8.71 -4.23
C GLY A 23 -31.95 -8.21 -5.10
N LEU A 24 -32.56 -7.06 -4.75
CA LEU A 24 -33.67 -6.51 -5.54
C LEU A 24 -33.29 -6.19 -6.98
N PRO A 25 -32.24 -5.37 -7.27
CA PRO A 25 -31.84 -5.14 -8.67
C PRO A 25 -31.47 -6.42 -9.43
N THR A 26 -30.82 -7.38 -8.75
CA THR A 26 -30.44 -8.69 -9.30
C THR A 26 -31.71 -9.47 -9.68
N SER A 27 -32.77 -9.41 -8.81
CA SER A 27 -34.09 -10.03 -9.02
C SER A 27 -34.67 -9.51 -10.33
N ILE A 28 -34.77 -8.15 -10.40
CA ILE A 28 -35.27 -7.37 -11.53
C ILE A 28 -34.51 -7.70 -12.81
N MET A 29 -33.18 -7.80 -12.72
CA MET A 29 -32.30 -8.10 -13.84
C MET A 29 -32.56 -9.45 -14.51
N PHE A 30 -32.64 -10.55 -13.75
CA PHE A 30 -32.89 -11.89 -14.30
C PHE A 30 -34.30 -11.98 -14.90
N ALA A 31 -35.30 -11.38 -14.22
CA ALA A 31 -36.70 -11.36 -14.63
C ALA A 31 -36.89 -10.54 -15.92
N LYS A 32 -36.08 -9.48 -16.09
CA LYS A 32 -36.03 -8.60 -17.26
C LYS A 32 -35.59 -9.42 -18.51
N HIS A 33 -34.87 -10.54 -18.28
CA HIS A 33 -34.32 -11.42 -19.30
C HIS A 33 -35.08 -12.77 -19.46
N GLY A 34 -36.32 -12.80 -18.95
CA GLY A 34 -37.21 -13.94 -19.09
C GLY A 34 -37.17 -15.05 -18.06
N VAL A 35 -36.33 -14.91 -17.00
CA VAL A 35 -36.25 -15.92 -15.96
C VAL A 35 -37.38 -15.71 -14.94
N ASP A 36 -38.02 -16.82 -14.45
CA ASP A 36 -39.08 -16.76 -13.45
C ASP A 36 -38.40 -16.64 -12.11
N VAL A 37 -38.53 -15.45 -11.51
CA VAL A 37 -37.85 -15.08 -10.28
C VAL A 37 -38.77 -14.96 -9.09
N LEU A 38 -38.38 -15.61 -8.00
CA LEU A 38 -39.05 -15.48 -6.70
C LEU A 38 -38.09 -14.72 -5.79
N GLY A 39 -38.48 -13.52 -5.40
CA GLY A 39 -37.73 -12.70 -4.46
C GLY A 39 -38.15 -13.07 -3.05
N VAL A 40 -37.18 -13.47 -2.20
CA VAL A 40 -37.45 -13.87 -0.81
C VAL A 40 -36.82 -12.91 0.18
N ASP A 41 -37.66 -12.31 1.06
CA ASP A 41 -37.22 -11.40 2.12
C ASP A 41 -38.03 -11.60 3.37
N ILE A 42 -37.36 -11.61 4.53
CA ILE A 42 -37.98 -11.80 5.85
C ILE A 42 -38.69 -10.54 6.37
N ASN A 43 -38.36 -9.36 5.81
CA ASN A 43 -39.01 -8.12 6.23
C ASN A 43 -40.36 -7.96 5.51
N GLN A 44 -41.47 -8.05 6.28
CA GLN A 44 -42.84 -7.91 5.77
C GLN A 44 -43.09 -6.52 5.20
N GLN A 45 -42.50 -5.47 5.81
CA GLN A 45 -42.60 -4.09 5.36
C GLN A 45 -42.09 -4.00 3.91
N THR A 46 -40.94 -4.64 3.64
CA THR A 46 -40.28 -4.74 2.33
C THR A 46 -41.22 -5.44 1.33
N ILE A 47 -41.74 -6.62 1.72
CA ILE A 47 -42.65 -7.46 0.92
C ILE A 47 -43.97 -6.71 0.59
N ASP A 48 -44.55 -5.99 1.59
CA ASP A 48 -45.78 -5.22 1.41
C ASP A 48 -45.56 -4.09 0.40
N LYS A 49 -44.44 -3.37 0.52
CA LYS A 49 -44.01 -2.30 -0.38
C LYS A 49 -43.91 -2.87 -1.81
N LEU A 50 -43.21 -4.02 -1.96
CA LEU A 50 -43.00 -4.70 -3.24
C LEU A 50 -44.30 -5.19 -3.84
N GLN A 51 -45.15 -5.88 -3.05
CA GLN A 51 -46.45 -6.38 -3.48
C GLN A 51 -47.43 -5.27 -3.88
N ASN A 52 -47.29 -4.06 -3.30
CA ASN A 52 -48.10 -2.88 -3.63
C ASN A 52 -47.62 -2.22 -4.96
N GLY A 53 -46.46 -2.65 -5.46
CA GLY A 53 -45.86 -2.14 -6.69
C GLY A 53 -44.69 -1.20 -6.56
N GLN A 54 -44.29 -0.86 -5.32
CA GLN A 54 -43.16 0.05 -5.08
C GLN A 54 -41.87 -0.66 -4.71
N ILE A 55 -40.71 -0.17 -5.23
CA ILE A 55 -39.40 -0.71 -4.88
C ILE A 55 -39.10 -0.35 -3.43
N SER A 56 -38.44 -1.27 -2.69
CA SER A 56 -38.10 -1.11 -1.29
C SER A 56 -36.73 -0.42 -1.13
N ILE A 57 -36.03 -0.18 -2.26
CA ILE A 57 -34.69 0.38 -2.35
C ILE A 57 -34.62 1.68 -3.18
N GLU A 58 -33.75 2.63 -2.80
CA GLU A 58 -33.66 3.90 -3.53
C GLU A 58 -32.57 3.93 -4.60
N GLU A 59 -33.00 3.82 -5.88
CA GLU A 59 -32.16 3.77 -7.08
C GLU A 59 -32.89 4.37 -8.28
N PRO A 60 -32.36 5.47 -8.88
CA PRO A 60 -33.04 6.16 -9.99
C PRO A 60 -34.15 5.50 -10.83
N GLY A 61 -33.86 4.98 -12.03
CA GLY A 61 -34.89 4.42 -12.91
C GLY A 61 -35.30 3.00 -12.61
N LEU A 62 -35.04 2.49 -11.39
CA LEU A 62 -35.37 1.11 -11.02
C LEU A 62 -36.85 0.85 -10.91
N GLN A 63 -37.61 1.81 -10.33
CA GLN A 63 -39.07 1.74 -10.16
C GLN A 63 -39.77 1.41 -11.51
N GLU A 64 -39.30 2.05 -12.59
CA GLU A 64 -39.76 1.91 -13.97
C GLU A 64 -39.53 0.48 -14.48
N VAL A 65 -38.33 -0.08 -14.24
CA VAL A 65 -37.97 -1.44 -14.67
C VAL A 65 -38.66 -2.46 -13.77
N TYR A 66 -38.92 -2.10 -12.48
CA TYR A 66 -39.63 -2.97 -11.57
C TYR A 66 -41.08 -3.11 -12.02
N GLU A 67 -41.72 -1.99 -12.41
CA GLU A 67 -43.10 -1.92 -12.89
C GLU A 67 -43.33 -2.82 -14.10
N GLU A 68 -42.36 -2.86 -15.06
CA GLU A 68 -42.43 -3.71 -16.27
C GLU A 68 -42.40 -5.19 -15.90
N VAL A 69 -41.41 -5.57 -15.08
CA VAL A 69 -41.11 -6.91 -14.62
C VAL A 69 -42.20 -7.50 -13.69
N LEU A 70 -42.82 -6.66 -12.85
CA LEU A 70 -43.89 -7.09 -11.93
C LEU A 70 -45.15 -7.42 -12.75
N SER A 71 -45.48 -6.56 -13.75
CA SER A 71 -46.62 -6.72 -14.67
C SER A 71 -46.48 -7.91 -15.62
N SER A 72 -45.24 -8.30 -15.98
CA SER A 72 -45.00 -9.44 -16.86
C SER A 72 -45.18 -10.80 -16.13
N GLY A 73 -45.31 -10.75 -14.80
CA GLY A 73 -45.47 -11.92 -13.95
C GLY A 73 -44.20 -12.72 -13.77
N LYS A 74 -43.04 -12.18 -14.23
CA LYS A 74 -41.73 -12.80 -14.14
C LYS A 74 -41.08 -12.63 -12.75
N LEU A 75 -41.46 -11.58 -11.98
CA LEU A 75 -40.96 -11.36 -10.62
C LEU A 75 -42.09 -11.38 -9.59
N LYS A 76 -42.08 -12.43 -8.76
CA LYS A 76 -43.02 -12.59 -7.67
C LYS A 76 -42.18 -12.50 -6.41
N VAL A 77 -42.77 -12.02 -5.31
CA VAL A 77 -42.10 -11.88 -4.04
C VAL A 77 -42.79 -12.74 -2.97
N SER A 78 -42.07 -13.10 -1.89
CA SER A 78 -42.55 -13.94 -0.78
C SER A 78 -41.61 -13.84 0.44
N THR A 79 -42.08 -14.28 1.61
CA THR A 79 -41.30 -14.32 2.86
C THR A 79 -40.73 -15.74 3.03
N THR A 80 -41.14 -16.64 2.12
CA THR A 80 -40.80 -18.05 2.14
C THR A 80 -40.11 -18.48 0.84
N PRO A 81 -39.02 -19.28 0.90
CA PRO A 81 -38.43 -19.78 -0.36
C PRO A 81 -39.30 -20.93 -0.88
N GLU A 82 -39.09 -21.29 -2.14
CA GLU A 82 -39.79 -22.42 -2.73
C GLU A 82 -38.81 -23.11 -3.65
N ALA A 83 -39.13 -24.34 -4.08
CA ALA A 83 -38.30 -25.13 -4.99
C ALA A 83 -37.89 -24.27 -6.19
N SER A 84 -36.60 -24.36 -6.55
CA SER A 84 -36.02 -23.58 -7.65
C SER A 84 -34.81 -24.28 -8.28
N ASP A 85 -34.38 -23.81 -9.45
CA ASP A 85 -33.21 -24.36 -10.13
C ASP A 85 -31.95 -23.71 -9.59
N VAL A 86 -32.01 -22.39 -9.33
CA VAL A 86 -30.91 -21.58 -8.84
C VAL A 86 -31.37 -20.82 -7.62
N PHE A 87 -30.48 -20.73 -6.61
CA PHE A 87 -30.71 -19.94 -5.41
C PHE A 87 -29.55 -18.99 -5.24
N ILE A 88 -29.85 -17.70 -5.06
CA ILE A 88 -28.85 -16.67 -4.83
C ILE A 88 -29.05 -16.07 -3.45
N ILE A 89 -28.05 -16.20 -2.57
CA ILE A 89 -28.10 -15.60 -1.24
C ILE A 89 -27.42 -14.23 -1.34
N ALA A 90 -28.20 -13.17 -1.09
CA ALA A 90 -27.81 -11.75 -1.13
C ALA A 90 -28.29 -11.05 0.13
N VAL A 91 -28.21 -11.73 1.28
CA VAL A 91 -28.58 -11.21 2.61
C VAL A 91 -27.40 -10.38 3.19
N PRO A 92 -27.57 -9.57 4.27
CA PRO A 92 -26.44 -8.81 4.76
C PRO A 92 -25.49 -9.62 5.63
N THR A 93 -24.25 -9.14 5.71
CA THR A 93 -23.23 -9.74 6.57
C THR A 93 -22.86 -8.61 7.53
N PRO A 94 -23.63 -8.48 8.65
CA PRO A 94 -23.38 -7.38 9.60
C PRO A 94 -22.02 -7.44 10.26
N ASN A 95 -21.66 -6.35 10.92
CA ASN A 95 -20.41 -6.24 11.65
C ASN A 95 -20.58 -6.88 13.03
N ASN A 96 -19.69 -7.82 13.39
CA ASN A 96 -19.64 -8.47 14.71
C ASN A 96 -19.00 -7.50 15.73
N ASP A 97 -19.05 -7.84 17.05
CA ASP A 97 -18.37 -7.11 18.12
C ASP A 97 -17.50 -8.12 18.95
N ASP A 98 -16.20 -8.35 18.66
CA ASP A 98 -15.26 -7.92 17.61
C ASP A 98 -14.54 -6.59 17.69
N GLN A 99 -13.21 -6.72 17.69
CA GLN A 99 -12.12 -5.73 17.68
C GLN A 99 -11.73 -5.44 16.22
N TYR A 100 -12.18 -6.31 15.31
CA TYR A 100 -11.95 -6.25 13.88
C TYR A 100 -13.21 -5.77 13.16
N ARG A 101 -14.39 -5.92 13.83
CA ARG A 101 -15.73 -5.71 13.27
C ARG A 101 -15.84 -6.70 12.09
N SER A 102 -15.43 -7.96 12.35
CA SER A 102 -15.40 -9.04 11.38
C SER A 102 -16.78 -9.35 10.85
N CYS A 103 -16.84 -9.97 9.63
CA CYS A 103 -18.10 -10.31 8.97
C CYS A 103 -18.91 -11.33 9.73
N ASP A 104 -20.18 -11.01 9.94
CA ASP A 104 -21.07 -11.95 10.58
C ASP A 104 -21.75 -12.81 9.48
N ILE A 105 -21.46 -14.12 9.47
CA ILE A 105 -21.97 -15.10 8.50
C ILE A 105 -23.36 -15.69 8.87
N SER A 106 -23.92 -15.26 10.01
CA SER A 106 -25.18 -15.77 10.56
C SER A 106 -26.39 -15.64 9.68
N LEU A 107 -26.58 -14.51 8.99
CA LEU A 107 -27.74 -14.33 8.11
C LEU A 107 -27.62 -15.17 6.85
N VAL A 108 -26.36 -15.42 6.39
CA VAL A 108 -26.03 -16.26 5.22
C VAL A 108 -26.39 -17.70 5.56
N MET A 109 -25.98 -18.14 6.79
CA MET A 109 -26.25 -19.50 7.26
C MET A 109 -27.74 -19.73 7.48
N ARG A 110 -28.44 -18.72 8.01
CA ARG A 110 -29.90 -18.75 8.22
C ARG A 110 -30.59 -18.85 6.85
N ALA A 111 -30.15 -18.07 5.85
CA ALA A 111 -30.70 -18.07 4.51
C ALA A 111 -30.52 -19.46 3.92
N LEU A 112 -29.29 -20.03 4.05
CA LEU A 112 -28.97 -21.39 3.59
C LEU A 112 -29.93 -22.38 4.22
N ASP A 113 -30.11 -22.33 5.58
CA ASP A 113 -31.04 -23.18 6.31
C ASP A 113 -32.47 -23.09 5.77
N SER A 114 -32.93 -21.87 5.41
CA SER A 114 -34.28 -21.71 4.87
C SER A 114 -34.44 -22.34 3.46
N ILE A 115 -33.33 -22.49 2.70
CA ILE A 115 -33.36 -23.09 1.35
C ILE A 115 -33.23 -24.64 1.35
N LEU A 116 -32.42 -25.19 2.27
CA LEU A 116 -32.21 -26.64 2.44
C LEU A 116 -33.43 -27.53 2.20
N PRO A 117 -34.62 -27.30 2.85
CA PRO A 117 -35.77 -28.21 2.59
C PRO A 117 -36.29 -28.22 1.16
N PHE A 118 -35.92 -27.23 0.34
CA PHE A 118 -36.41 -27.14 -1.04
C PHE A 118 -35.43 -27.66 -2.07
N LEU A 119 -34.21 -28.06 -1.63
CA LEU A 119 -33.14 -28.53 -2.49
C LEU A 119 -33.42 -29.82 -3.22
N LYS A 120 -33.16 -29.81 -4.53
CA LYS A 120 -33.33 -30.95 -5.42
C LYS A 120 -32.02 -31.17 -6.20
N LYS A 121 -31.79 -32.39 -6.70
CA LYS A 121 -30.60 -32.70 -7.49
C LYS A 121 -30.54 -31.81 -8.76
N GLY A 122 -29.35 -31.28 -9.07
CA GLY A 122 -29.11 -30.40 -10.21
C GLY A 122 -29.10 -28.91 -9.89
N ASN A 123 -29.52 -28.53 -8.67
CA ASN A 123 -29.60 -27.14 -8.20
C ASN A 123 -28.25 -26.44 -8.01
N THR A 124 -28.27 -25.10 -8.15
CA THR A 124 -27.11 -24.22 -7.98
C THR A 124 -27.36 -23.25 -6.82
N ILE A 125 -26.37 -23.14 -5.91
CA ILE A 125 -26.40 -22.19 -4.80
C ILE A 125 -25.28 -21.21 -5.02
N ILE A 126 -25.64 -19.92 -5.18
CA ILE A 126 -24.70 -18.81 -5.36
C ILE A 126 -24.80 -17.96 -4.12
N VAL A 127 -23.64 -17.66 -3.52
CA VAL A 127 -23.59 -16.77 -2.38
C VAL A 127 -22.98 -15.47 -2.90
N GLU A 128 -23.80 -14.40 -2.98
CA GLU A 128 -23.35 -13.08 -3.47
C GLU A 128 -22.84 -12.18 -2.33
N SER A 129 -23.27 -12.47 -1.09
CA SER A 129 -22.92 -11.79 0.17
C SER A 129 -21.42 -11.93 0.49
N THR A 130 -20.90 -10.99 1.28
CA THR A 130 -19.50 -11.02 1.70
C THR A 130 -19.30 -12.14 2.69
N ILE A 131 -18.32 -13.00 2.41
CA ILE A 131 -18.01 -14.18 3.21
C ILE A 131 -16.51 -14.32 3.41
N ALA A 132 -16.14 -14.81 4.59
CA ALA A 132 -14.73 -15.04 4.94
C ALA A 132 -14.16 -16.18 4.09
N PRO A 133 -12.84 -16.20 3.78
CA PRO A 133 -12.29 -17.32 3.02
C PRO A 133 -12.51 -18.65 3.72
N LYS A 134 -12.81 -19.69 2.93
CA LYS A 134 -13.13 -21.06 3.36
C LYS A 134 -14.56 -21.32 3.85
N THR A 135 -15.48 -20.34 3.65
CA THR A 135 -16.91 -20.45 3.98
C THR A 135 -17.60 -21.48 3.06
N MET A 136 -17.33 -21.39 1.76
CA MET A 136 -17.94 -22.29 0.79
C MET A 136 -17.51 -23.73 1.03
N ASP A 137 -16.20 -23.94 1.21
CA ASP A 137 -15.57 -25.23 1.44
C ASP A 137 -15.78 -25.82 2.82
N ASP A 138 -15.63 -25.02 3.90
CA ASP A 138 -15.70 -25.54 5.28
C ASP A 138 -17.04 -25.37 6.02
N PHE A 139 -17.94 -24.51 5.50
CA PHE A 139 -19.23 -24.21 6.14
C PHE A 139 -20.43 -24.57 5.27
N VAL A 140 -20.41 -24.18 3.99
CA VAL A 140 -21.54 -24.43 3.08
C VAL A 140 -21.50 -25.89 2.62
N LYS A 141 -20.36 -26.35 2.07
CA LYS A 141 -20.14 -27.72 1.56
C LYS A 141 -20.51 -28.82 2.58
N PRO A 142 -19.99 -28.82 3.85
CA PRO A 142 -20.37 -29.87 4.82
C PRO A 142 -21.86 -30.00 5.11
N VAL A 143 -22.56 -28.87 5.15
CA VAL A 143 -23.99 -28.81 5.42
C VAL A 143 -24.75 -29.49 4.28
N ILE A 144 -24.38 -29.16 3.03
CA ILE A 144 -25.01 -29.72 1.84
C ILE A 144 -24.68 -31.19 1.66
N GLU A 145 -23.42 -31.57 1.89
CA GLU A 145 -22.98 -32.96 1.80
C GLU A 145 -23.60 -33.87 2.85
N ASN A 146 -24.06 -33.29 3.96
CA ASN A 146 -24.73 -33.99 5.04
C ASN A 146 -26.09 -34.49 4.61
N LEU A 147 -26.69 -33.80 3.63
CA LEU A 147 -27.97 -34.15 3.03
C LEU A 147 -27.83 -35.27 2.00
N GLY A 148 -26.61 -35.64 1.60
CA GLY A 148 -26.42 -36.70 0.64
C GLY A 148 -26.01 -36.19 -0.71
N PHE A 149 -26.10 -34.85 -0.91
CA PHE A 149 -25.69 -34.18 -2.12
C PHE A 149 -24.17 -34.19 -2.28
N THR A 150 -23.73 -34.32 -3.51
CA THR A 150 -22.34 -34.35 -3.92
C THR A 150 -22.10 -33.11 -4.76
N ILE A 151 -21.21 -32.25 -4.28
CA ILE A 151 -20.86 -30.98 -4.91
C ILE A 151 -20.12 -31.20 -6.24
N GLY A 152 -20.65 -30.63 -7.30
CA GLY A 152 -20.08 -30.75 -8.63
C GLY A 152 -20.75 -31.85 -9.43
N GLU A 153 -21.60 -32.67 -8.76
CA GLU A 153 -22.35 -33.77 -9.32
C GLU A 153 -23.85 -33.49 -9.21
N ASP A 154 -24.38 -33.33 -7.99
CA ASP A 154 -25.80 -33.08 -7.90
C ASP A 154 -26.24 -31.72 -7.29
N ILE A 155 -25.27 -30.89 -6.87
CA ILE A 155 -25.46 -29.51 -6.37
C ILE A 155 -24.26 -28.68 -6.82
N TYR A 156 -24.51 -27.46 -7.26
CA TYR A 156 -23.38 -26.61 -7.62
C TYR A 156 -23.25 -25.44 -6.64
N LEU A 157 -22.04 -25.28 -6.07
CA LEU A 157 -21.74 -24.24 -5.10
C LEU A 157 -20.82 -23.18 -5.67
N VAL A 158 -21.31 -21.95 -5.76
CA VAL A 158 -20.57 -20.81 -6.29
C VAL A 158 -20.55 -19.59 -5.34
N HIS A 159 -19.37 -18.96 -5.21
CA HIS A 159 -19.25 -17.66 -4.58
C HIS A 159 -19.08 -16.66 -5.75
N CYS A 160 -20.04 -15.75 -5.89
CA CYS A 160 -19.94 -14.70 -6.87
C CYS A 160 -20.12 -13.35 -6.13
N PRO A 161 -19.00 -12.79 -5.64
CA PRO A 161 -19.11 -11.54 -4.90
C PRO A 161 -19.74 -10.46 -5.76
N GLU A 162 -20.80 -9.87 -5.26
CA GLU A 162 -21.48 -8.82 -5.98
C GLU A 162 -21.05 -7.44 -5.42
N ARG A 163 -20.75 -6.50 -6.35
CA ARG A 163 -20.35 -5.15 -6.04
C ARG A 163 -20.83 -4.18 -7.12
N VAL A 164 -21.85 -3.37 -6.77
CA VAL A 164 -22.43 -2.37 -7.66
C VAL A 164 -22.37 -0.95 -7.10
N LEU A 165 -22.19 0.01 -8.01
CA LEU A 165 -22.08 1.43 -7.76
C LEU A 165 -23.51 2.04 -7.77
N PRO A 166 -23.99 2.62 -6.64
CA PRO A 166 -25.32 3.25 -6.64
C PRO A 166 -25.45 4.32 -7.72
N GLY A 167 -26.61 4.35 -8.37
CA GLY A 167 -26.91 5.24 -9.49
C GLY A 167 -26.68 4.55 -10.82
N LYS A 168 -25.74 3.60 -10.87
CA LYS A 168 -25.34 2.84 -12.07
C LYS A 168 -25.59 1.32 -11.88
N ILE A 169 -26.44 0.94 -10.90
CA ILE A 169 -26.74 -0.45 -10.51
C ILE A 169 -27.05 -1.44 -11.63
N LEU A 170 -28.09 -1.18 -12.47
CA LEU A 170 -28.45 -2.08 -13.57
C LEU A 170 -27.38 -2.13 -14.65
N GLU A 171 -26.76 -0.95 -14.96
CA GLU A 171 -25.66 -0.83 -15.94
C GLU A 171 -24.44 -1.69 -15.53
N GLU A 172 -24.07 -1.60 -14.25
CA GLU A 172 -22.96 -2.35 -13.66
C GLU A 172 -23.24 -3.84 -13.56
N LEU A 173 -24.51 -4.25 -13.26
CA LEU A 173 -24.89 -5.67 -13.21
C LEU A 173 -24.53 -6.40 -14.53
N VAL A 174 -24.71 -5.71 -15.67
CA VAL A 174 -24.42 -6.22 -17.01
C VAL A 174 -22.95 -6.10 -17.35
N HIS A 175 -22.42 -4.86 -17.27
CA HIS A 175 -21.08 -4.53 -17.75
C HIS A 175 -19.86 -4.79 -16.88
N ASN A 176 -20.04 -4.97 -15.56
CA ASN A 176 -18.91 -5.24 -14.68
C ASN A 176 -18.39 -6.64 -14.88
N ASN A 177 -17.07 -6.79 -14.69
CA ASN A 177 -16.39 -8.09 -14.70
C ASN A 177 -16.80 -8.81 -13.42
N ARG A 178 -16.83 -10.16 -13.47
CA ARG A 178 -17.28 -11.01 -12.37
C ARG A 178 -16.38 -12.16 -12.08
N ILE A 179 -16.10 -12.37 -10.78
CA ILE A 179 -15.35 -13.51 -10.31
C ILE A 179 -16.42 -14.58 -10.02
N ILE A 180 -16.26 -15.78 -10.66
CA ILE A 180 -17.11 -16.98 -10.51
C ILE A 180 -16.21 -17.98 -9.78
N GLY A 181 -16.42 -18.09 -8.46
CA GLY A 181 -15.67 -18.99 -7.60
C GLY A 181 -16.44 -20.25 -7.27
N GLY A 182 -16.20 -21.29 -8.05
CA GLY A 182 -16.84 -22.59 -7.86
C GLY A 182 -16.06 -23.49 -6.94
N VAL A 183 -16.76 -24.38 -6.21
CA VAL A 183 -16.11 -25.33 -5.31
C VAL A 183 -15.38 -26.40 -6.16
N THR A 184 -15.97 -26.75 -7.32
CA THR A 184 -15.46 -27.67 -8.34
C THR A 184 -15.47 -26.93 -9.68
N LYS A 185 -14.84 -27.53 -10.71
CA LYS A 185 -14.81 -26.95 -12.07
C LYS A 185 -16.22 -26.98 -12.68
N ALA A 186 -17.06 -27.96 -12.27
CA ALA A 186 -18.46 -28.09 -12.72
C ALA A 186 -19.31 -26.95 -12.16
N CYS A 187 -19.04 -26.54 -10.89
CA CYS A 187 -19.69 -25.43 -10.17
C CYS A 187 -19.44 -24.13 -10.91
N ILE A 188 -18.20 -23.92 -11.40
CA ILE A 188 -17.85 -22.73 -12.21
C ILE A 188 -18.74 -22.68 -13.46
N GLU A 189 -18.89 -23.83 -14.17
CA GLU A 189 -19.73 -23.91 -15.38
C GLU A 189 -21.17 -23.56 -15.08
N ALA A 190 -21.69 -24.03 -13.93
CA ALA A 190 -23.06 -23.75 -13.48
C ALA A 190 -23.25 -22.25 -13.17
N GLY A 191 -22.23 -21.62 -12.57
CA GLY A 191 -22.18 -20.20 -12.28
C GLY A 191 -22.21 -19.36 -13.54
N LYS A 192 -21.41 -19.75 -14.57
CA LYS A 192 -21.38 -19.09 -15.89
C LYS A 192 -22.73 -19.18 -16.57
N ARG A 193 -23.45 -20.35 -16.53
CA ARG A 193 -24.78 -20.47 -17.15
C ARG A 193 -25.77 -19.49 -16.52
N VAL A 194 -25.68 -19.31 -15.20
CA VAL A 194 -26.58 -18.39 -14.51
C VAL A 194 -26.37 -16.94 -14.95
N TYR A 195 -25.15 -16.43 -14.82
CA TYR A 195 -24.79 -15.08 -15.18
C TYR A 195 -24.78 -14.71 -16.67
N ARG A 196 -24.57 -15.70 -17.61
CA ARG A 196 -24.59 -15.47 -19.07
C ARG A 196 -25.93 -14.91 -19.55
N THR A 197 -26.97 -15.00 -18.73
CA THR A 197 -28.31 -14.51 -18.99
C THR A 197 -28.26 -13.02 -19.38
N PHE A 198 -27.44 -12.21 -18.67
CA PHE A 198 -27.37 -10.75 -18.89
C PHE A 198 -25.96 -10.16 -18.77
N VAL A 199 -25.01 -10.91 -18.19
CA VAL A 199 -23.64 -10.43 -17.99
C VAL A 199 -22.89 -10.39 -19.32
N GLN A 200 -22.52 -9.16 -19.73
CA GLN A 200 -21.72 -8.84 -20.91
C GLN A 200 -20.26 -8.62 -20.50
N GLY A 201 -20.04 -8.35 -19.20
CA GLY A 201 -18.72 -8.19 -18.62
C GLY A 201 -17.95 -9.48 -18.63
N GLU A 202 -16.65 -9.43 -18.32
CA GLU A 202 -15.78 -10.60 -18.29
C GLU A 202 -16.14 -11.45 -17.07
N MET A 203 -16.08 -12.77 -17.22
CA MET A 203 -16.34 -13.70 -16.13
C MET A 203 -15.05 -14.40 -15.82
N ILE A 204 -14.44 -14.05 -14.68
CA ILE A 204 -13.17 -14.62 -14.23
C ILE A 204 -13.50 -15.95 -13.55
N GLU A 205 -12.92 -17.05 -14.06
CA GLU A 205 -13.14 -18.39 -13.55
C GLU A 205 -12.06 -18.77 -12.58
N THR A 206 -12.47 -19.22 -11.38
CA THR A 206 -11.56 -19.60 -10.29
C THR A 206 -12.29 -20.46 -9.28
N ASP A 207 -11.59 -20.95 -8.25
CA ASP A 207 -12.24 -21.73 -7.20
C ASP A 207 -12.76 -20.78 -6.09
N ALA A 208 -13.75 -21.25 -5.32
CA ALA A 208 -14.43 -20.50 -4.27
C ALA A 208 -13.49 -19.84 -3.27
N ARG A 209 -12.45 -20.55 -2.79
CA ARG A 209 -11.48 -20.00 -1.84
C ARG A 209 -10.67 -18.81 -2.41
N THR A 210 -10.34 -18.84 -3.72
CA THR A 210 -9.61 -17.77 -4.41
C THR A 210 -10.53 -16.55 -4.57
N ALA A 211 -11.82 -16.75 -4.86
CA ALA A 211 -12.83 -15.70 -4.98
C ALA A 211 -13.05 -14.99 -3.61
N GLU A 212 -13.03 -15.75 -2.50
CA GLU A 212 -13.24 -15.20 -1.15
C GLU A 212 -12.03 -14.38 -0.72
N MET A 213 -10.82 -14.96 -0.88
CA MET A 213 -9.54 -14.37 -0.52
C MET A 213 -9.22 -13.10 -1.30
N SER A 214 -9.46 -13.16 -2.62
CA SER A 214 -9.28 -12.08 -3.57
C SER A 214 -10.09 -10.86 -3.19
N LYS A 215 -11.34 -11.07 -2.74
CA LYS A 215 -12.22 -9.98 -2.32
C LYS A 215 -11.75 -9.31 -1.05
N LEU A 216 -11.25 -10.10 -0.10
CA LEU A 216 -10.70 -9.66 1.16
C LEU A 216 -9.36 -8.90 0.91
N MET A 217 -8.54 -9.36 -0.04
CA MET A 217 -7.27 -8.74 -0.42
C MET A 217 -7.41 -7.38 -1.08
N GLU A 218 -8.49 -7.18 -1.89
CA GLU A 218 -8.82 -5.93 -2.58
C GLU A 218 -9.13 -4.86 -1.55
N ASN A 219 -10.03 -5.16 -0.62
CA ASN A 219 -10.44 -4.23 0.43
C ASN A 219 -9.31 -3.92 1.40
N THR A 220 -8.46 -4.93 1.67
CA THR A 220 -7.30 -4.87 2.53
C THR A 220 -6.21 -3.96 1.91
N TYR A 221 -5.84 -4.18 0.62
CA TYR A 221 -4.86 -3.33 -0.05
C TYR A 221 -5.33 -1.87 0.03
N ARG A 222 -6.61 -1.65 -0.29
CA ARG A 222 -7.25 -0.34 -0.27
C ARG A 222 -7.22 0.31 1.13
N ASP A 223 -7.75 -0.39 2.14
CA ASP A 223 -7.78 0.12 3.51
C ASP A 223 -6.43 0.41 4.16
N VAL A 224 -5.46 -0.51 4.01
CA VAL A 224 -4.11 -0.38 4.55
C VAL A 224 -3.44 0.84 3.89
N ASN A 225 -3.65 1.03 2.56
CA ASN A 225 -3.07 2.13 1.84
C ASN A 225 -3.67 3.50 2.18
N ILE A 226 -4.99 3.53 2.43
CA ILE A 226 -5.68 4.75 2.86
C ILE A 226 -5.21 5.09 4.26
N ALA A 227 -5.10 4.06 5.14
CA ALA A 227 -4.57 4.18 6.51
C ALA A 227 -3.16 4.78 6.46
N LEU A 228 -2.30 4.32 5.52
CA LEU A 228 -0.93 4.82 5.34
C LEU A 228 -0.94 6.31 5.04
N ALA A 229 -1.78 6.75 4.08
CA ALA A 229 -1.98 8.13 3.67
C ALA A 229 -2.44 8.97 4.87
N ASN A 230 -3.43 8.48 5.61
CA ASN A 230 -4.00 9.15 6.78
C ASN A 230 -3.01 9.26 7.93
N GLU A 231 -2.23 8.21 8.17
CA GLU A 231 -1.20 8.19 9.22
C GLU A 231 -0.10 9.20 8.86
N LEU A 232 0.26 9.25 7.57
CA LEU A 232 1.26 10.14 7.03
C LEU A 232 0.83 11.61 7.16
N THR A 233 -0.47 11.88 6.95
CA THR A 233 -1.10 13.19 7.11
C THR A 233 -0.90 13.69 8.56
N LYS A 234 -1.09 12.80 9.55
CA LYS A 234 -0.89 13.16 10.95
C LYS A 234 0.60 13.51 11.22
N ILE A 235 1.54 12.73 10.65
CA ILE A 235 3.00 12.92 10.77
C ILE A 235 3.43 14.24 10.13
N CYS A 236 3.00 14.46 8.87
CA CYS A 236 3.27 15.66 8.06
C CYS A 236 2.74 16.91 8.70
N ASN A 237 1.55 16.83 9.32
CA ASN A 237 0.99 18.00 9.99
C ASN A 237 1.81 18.37 11.22
N ASN A 238 2.37 17.37 11.94
CA ASN A 238 3.21 17.57 13.11
C ASN A 238 4.57 18.18 12.79
N LEU A 239 5.07 17.98 11.55
CA LEU A 239 6.37 18.47 11.11
C LEU A 239 6.27 19.66 10.13
N ASN A 240 5.06 20.21 9.95
CA ASN A 240 4.81 21.33 9.04
C ASN A 240 5.27 21.01 7.63
N ILE A 241 4.90 19.80 7.19
CA ILE A 241 5.18 19.27 5.86
C ILE A 241 3.82 19.14 5.17
N ASN A 242 3.77 19.46 3.85
CA ASN A 242 2.57 19.34 3.05
C ASN A 242 2.45 17.87 2.60
N VAL A 243 1.42 17.16 3.08
CA VAL A 243 1.24 15.75 2.76
C VAL A 243 0.88 15.49 1.29
N LEU A 244 0.02 16.34 0.72
CA LEU A 244 -0.46 16.16 -0.65
C LEU A 244 0.66 16.34 -1.67
N ASP A 245 1.48 17.38 -1.48
CA ASP A 245 2.64 17.66 -2.32
C ASP A 245 3.61 16.51 -2.30
N VAL A 246 3.79 15.89 -1.11
CA VAL A 246 4.69 14.77 -0.89
C VAL A 246 4.20 13.45 -1.52
N ILE A 247 2.87 13.20 -1.55
CA ILE A 247 2.26 12.01 -2.15
C ILE A 247 2.46 12.11 -3.67
N GLU A 248 2.18 13.32 -4.23
CA GLU A 248 2.36 13.65 -5.65
C GLU A 248 3.84 13.49 -6.06
N MET A 249 4.76 13.95 -5.21
CA MET A 249 6.21 13.81 -5.39
C MET A 249 6.60 12.33 -5.42
N ALA A 250 6.31 11.58 -4.33
CA ALA A 250 6.61 10.15 -4.13
C ALA A 250 6.01 9.22 -5.20
N ASN A 251 4.78 9.52 -5.68
CA ASN A 251 4.07 8.71 -6.68
C ASN A 251 4.66 8.79 -8.08
N LYS A 252 5.67 9.66 -8.31
CA LYS A 252 6.39 9.75 -9.57
C LYS A 252 7.17 8.45 -9.82
N HIS A 253 7.48 7.71 -8.72
CA HIS A 253 8.13 6.41 -8.81
C HIS A 253 7.12 5.43 -9.44
N PRO A 254 7.53 4.71 -10.52
CA PRO A 254 6.60 3.77 -11.21
C PRO A 254 5.93 2.71 -10.36
N ARG A 255 6.59 2.28 -9.27
CA ARG A 255 6.06 1.26 -8.37
C ARG A 255 5.60 1.80 -7.01
N VAL A 256 5.31 3.12 -6.93
CA VAL A 256 4.83 3.79 -5.72
C VAL A 256 3.46 4.40 -6.03
N ASN A 257 2.42 3.98 -5.30
CA ASN A 257 1.06 4.41 -5.54
C ASN A 257 0.36 4.80 -4.22
N ILE A 258 0.93 5.74 -3.47
CA ILE A 258 0.36 6.21 -2.19
C ILE A 258 -1.03 6.80 -2.42
N HIS A 259 -1.97 6.38 -1.58
CA HIS A 259 -3.36 6.81 -1.74
C HIS A 259 -3.61 8.21 -1.20
N GLN A 260 -4.82 8.71 -1.41
CA GLN A 260 -5.23 10.02 -0.93
C GLN A 260 -5.77 9.93 0.49
N PRO A 261 -5.38 10.89 1.39
CA PRO A 261 -5.96 10.88 2.74
C PRO A 261 -7.38 11.45 2.68
N GLY A 262 -8.13 11.27 3.76
CA GLY A 262 -9.48 11.78 3.83
C GLY A 262 -10.07 11.79 5.23
N PRO A 263 -11.41 11.98 5.29
CA PRO A 263 -12.08 12.01 6.60
C PRO A 263 -12.36 10.64 7.24
N GLY A 264 -11.96 9.58 6.54
CA GLY A 264 -12.17 8.20 6.96
C GLY A 264 -12.61 7.37 5.78
N VAL A 265 -13.05 6.14 6.05
CA VAL A 265 -13.48 5.17 5.02
C VAL A 265 -14.90 4.69 5.30
N GLY A 266 -15.66 4.44 4.23
CA GLY A 266 -16.99 3.87 4.32
C GLY A 266 -16.85 2.49 4.90
N GLY A 267 -17.29 2.34 6.16
CA GLY A 267 -17.26 1.10 6.94
C GLY A 267 -17.90 -0.09 6.25
N HIS A 268 -17.26 -1.25 6.38
CA HIS A 268 -17.63 -2.54 5.80
C HIS A 268 -16.90 -3.57 6.64
N CYS A 269 -17.56 -4.70 6.96
CA CYS A 269 -16.98 -5.75 7.78
C CYS A 269 -15.67 -6.33 7.22
N LEU A 270 -14.81 -6.84 8.13
CA LEU A 270 -13.59 -7.47 7.68
C LEU A 270 -13.88 -8.94 7.48
N ALA A 271 -13.73 -9.43 6.25
CA ALA A 271 -14.06 -10.81 5.96
C ALA A 271 -13.01 -11.83 6.40
N VAL A 272 -12.74 -11.85 7.71
CA VAL A 272 -11.85 -12.80 8.39
C VAL A 272 -12.71 -13.63 9.35
N ASP A 273 -12.26 -14.84 9.71
CA ASP A 273 -12.98 -15.68 10.66
C ASP A 273 -12.71 -15.19 12.09
N PRO A 274 -13.77 -14.84 12.86
CA PRO A 274 -13.54 -14.36 14.24
C PRO A 274 -13.12 -15.49 15.21
N ASN A 284 -2.42 -13.67 12.22
CA ASN A 284 -2.60 -12.63 13.27
C ASN A 284 -3.49 -11.46 12.81
N ALA A 285 -3.32 -11.01 11.53
CA ALA A 285 -4.06 -9.92 10.90
C ALA A 285 -3.84 -8.53 11.58
N LYS A 286 -2.66 -8.37 12.21
CA LYS A 286 -2.26 -7.15 12.94
C LYS A 286 -2.24 -5.87 12.10
N LEU A 287 -1.68 -5.92 10.88
CA LEU A 287 -1.60 -4.78 9.94
C LEU A 287 -2.97 -4.35 9.50
N ILE A 288 -3.81 -5.31 9.11
CA ILE A 288 -5.18 -5.07 8.67
C ILE A 288 -5.98 -4.37 9.77
N GLN A 289 -5.89 -4.87 11.00
CA GLN A 289 -6.55 -4.32 12.19
C GLN A 289 -6.13 -2.85 12.43
N THR A 290 -4.81 -2.59 12.45
CA THR A 290 -4.20 -1.27 12.62
C THR A 290 -4.70 -0.30 11.55
N GLY A 291 -4.75 -0.76 10.29
CA GLY A 291 -5.25 0.04 9.17
C GLY A 291 -6.69 0.51 9.33
N ARG A 292 -7.56 -0.38 9.82
CA ARG A 292 -8.96 -0.06 10.07
C ARG A 292 -9.09 0.86 11.30
N GLU A 293 -8.24 0.65 12.35
CA GLU A 293 -8.18 1.51 13.55
C GLU A 293 -7.83 2.96 13.18
N ILE A 294 -6.81 3.16 12.28
CA ILE A 294 -6.36 4.46 11.79
C ILE A 294 -7.48 5.12 11.03
N ASN A 295 -8.13 4.43 10.10
CA ASN A 295 -9.25 5.00 9.35
C ASN A 295 -10.43 5.38 10.22
N ASN A 296 -10.72 4.55 11.27
CA ASN A 296 -11.80 4.80 12.24
C ASN A 296 -11.53 6.04 13.11
N SER A 297 -10.24 6.35 13.32
CA SER A 297 -9.78 7.51 14.12
C SER A 297 -9.84 8.83 13.35
N MET A 298 -10.01 8.78 12.01
CA MET A 298 -10.05 9.99 11.17
C MET A 298 -11.19 10.91 11.50
N PRO A 299 -12.47 10.43 11.64
CA PRO A 299 -13.55 11.35 12.07
C PRO A 299 -13.20 12.18 13.30
N ALA A 300 -12.65 11.57 14.36
CA ALA A 300 -12.21 12.26 15.57
C ALA A 300 -11.05 13.24 15.32
N TYR A 301 -10.11 12.88 14.39
CA TYR A 301 -8.97 13.72 14.00
C TYR A 301 -9.50 15.00 13.32
N VAL A 302 -10.51 14.86 12.43
CA VAL A 302 -11.17 15.96 11.72
C VAL A 302 -11.91 16.85 12.74
N VAL A 303 -12.65 16.23 13.67
CA VAL A 303 -13.40 16.91 14.74
C VAL A 303 -12.43 17.72 15.64
N ASP A 304 -11.30 17.11 16.07
CA ASP A 304 -10.27 17.78 16.89
C ASP A 304 -9.66 18.96 16.15
N THR A 305 -9.44 18.83 14.84
CA THR A 305 -8.90 19.90 14.01
C THR A 305 -9.92 21.04 13.88
N THR A 306 -11.21 20.69 13.72
CA THR A 306 -12.34 21.61 13.62
C THR A 306 -12.46 22.43 14.92
N LYS A 307 -12.46 21.74 16.08
CA LYS A 307 -12.52 22.35 17.42
C LYS A 307 -11.45 23.43 17.61
N GLN A 308 -10.23 23.18 17.09
CA GLN A 308 -9.10 24.11 17.13
C GLN A 308 -9.28 25.31 16.21
N ILE A 309 -9.90 25.13 15.02
CA ILE A 309 -10.17 26.23 14.06
C ILE A 309 -11.20 27.18 14.68
N ILE A 310 -12.27 26.61 15.24
CA ILE A 310 -13.39 27.30 15.88
C ILE A 310 -13.00 28.00 17.19
N LYS A 311 -11.88 27.58 17.81
CA LYS A 311 -11.32 28.17 19.02
C LYS A 311 -10.64 29.50 18.64
N ALA A 312 -9.82 29.49 17.58
CA ALA A 312 -9.09 30.64 17.04
C ALA A 312 -10.03 31.69 16.40
N LEU A 313 -11.28 31.32 16.07
CA LEU A 313 -12.25 32.23 15.46
C LEU A 313 -13.47 32.54 16.34
N SER A 314 -14.15 33.65 16.06
CA SER A 314 -15.37 34.04 16.76
C SER A 314 -16.56 33.32 16.11
N GLY A 315 -17.29 32.55 16.91
CA GLY A 315 -18.43 31.77 16.45
C GLY A 315 -18.38 30.31 16.83
N ASN A 316 -19.50 29.60 16.60
CA ASN A 316 -19.70 28.18 16.90
C ASN A 316 -20.11 27.41 15.65
N LYS A 317 -20.64 28.12 14.63
CA LYS A 317 -21.15 27.54 13.40
C LYS A 317 -20.14 26.97 12.40
N VAL A 318 -20.25 25.64 12.15
CA VAL A 318 -19.47 24.90 11.17
C VAL A 318 -20.45 24.30 10.15
N THR A 319 -20.25 24.61 8.87
CA THR A 319 -21.08 24.08 7.78
C THR A 319 -20.40 22.90 7.10
N VAL A 320 -20.96 21.70 7.28
CA VAL A 320 -20.47 20.47 6.67
C VAL A 320 -20.93 20.46 5.18
N PHE A 321 -19.97 20.20 4.27
CA PHE A 321 -20.20 20.10 2.83
C PHE A 321 -19.96 18.63 2.42
N GLY A 322 -21.06 17.90 2.26
CA GLY A 322 -21.03 16.48 1.93
C GLY A 322 -21.17 15.59 3.14
N LEU A 323 -22.10 14.64 3.06
CA LEU A 323 -22.41 13.66 4.11
C LEU A 323 -22.23 12.20 3.62
N THR A 324 -21.75 12.05 2.38
CA THR A 324 -21.54 10.75 1.73
C THR A 324 -20.07 10.34 1.68
N TYR A 325 -19.81 9.02 1.59
CA TYR A 325 -18.44 8.53 1.46
C TYR A 325 -17.94 8.81 0.03
N LYS A 326 -18.67 8.35 -1.00
CA LYS A 326 -18.31 8.55 -2.41
C LYS A 326 -18.97 9.79 -2.99
N GLY A 327 -18.18 10.58 -3.74
CA GLY A 327 -18.65 11.79 -4.38
C GLY A 327 -19.66 11.50 -5.47
N ASP A 328 -20.67 12.38 -5.62
CA ASP A 328 -21.77 12.32 -6.59
C ASP A 328 -22.64 11.06 -6.47
N VAL A 329 -22.68 10.46 -5.27
CA VAL A 329 -23.41 9.22 -4.95
C VAL A 329 -24.12 9.42 -3.60
N ASP A 330 -25.26 8.73 -3.40
CA ASP A 330 -26.08 8.76 -2.19
C ASP A 330 -25.51 7.77 -1.13
N ASP A 331 -24.17 7.73 -1.02
CA ASP A 331 -23.40 6.84 -0.13
C ASP A 331 -23.37 7.32 1.33
N ILE A 332 -24.53 7.28 2.02
CA ILE A 332 -24.58 7.70 3.44
C ILE A 332 -24.38 6.55 4.44
N ARG A 333 -24.36 5.29 3.94
CA ARG A 333 -24.21 4.08 4.75
C ARG A 333 -22.77 3.90 5.27
N GLU A 334 -22.63 3.83 6.62
CA GLU A 334 -21.38 3.74 7.38
C GLU A 334 -20.37 4.87 7.01
N SER A 335 -20.91 5.99 6.47
CA SER A 335 -20.23 7.20 5.98
C SER A 335 -19.39 7.92 7.04
N PRO A 336 -18.11 8.22 6.72
CA PRO A 336 -17.26 8.95 7.71
C PRO A 336 -17.66 10.42 7.84
N ALA A 337 -18.11 11.01 6.72
CA ALA A 337 -18.59 12.37 6.58
C ALA A 337 -19.81 12.59 7.49
N PHE A 338 -20.78 11.64 7.45
CA PHE A 338 -22.00 11.60 8.27
C PHE A 338 -21.62 11.46 9.76
N ASP A 339 -20.60 10.61 10.07
CA ASP A 339 -20.11 10.36 11.43
C ASP A 339 -19.50 11.62 12.05
N ILE A 340 -18.77 12.45 11.24
CA ILE A 340 -18.17 13.72 11.66
C ILE A 340 -19.29 14.71 12.03
N TYR A 341 -20.32 14.83 11.15
CA TYR A 341 -21.48 15.69 11.32
C TYR A 341 -22.17 15.45 12.66
N GLU A 342 -22.46 14.16 12.97
CA GLU A 342 -23.09 13.76 14.23
C GLU A 342 -22.18 14.02 15.43
N LEU A 343 -20.85 13.81 15.28
CA LEU A 343 -19.89 14.08 16.34
C LEU A 343 -19.87 15.58 16.64
N LEU A 344 -19.95 16.41 15.58
CA LEU A 344 -20.00 17.87 15.67
C LEU A 344 -21.34 18.31 16.26
N ASN A 345 -22.42 17.59 15.90
CA ASN A 345 -23.77 17.83 16.42
C ASN A 345 -23.80 17.53 17.91
N GLN A 346 -23.24 16.37 18.32
CA GLN A 346 -23.15 15.93 19.72
C GLN A 346 -22.32 16.93 20.55
N GLU A 347 -21.22 17.42 19.96
CA GLU A 347 -20.29 18.35 20.59
C GLU A 347 -20.92 19.70 20.97
N PRO A 348 -20.90 20.07 22.27
CA PRO A 348 -21.38 21.41 22.64
C PRO A 348 -20.29 22.43 22.26
N ASP A 349 -20.66 23.73 22.21
CA ASP A 349 -19.75 24.82 21.81
C ASP A 349 -19.50 24.81 20.27
N ILE A 350 -20.26 23.96 19.53
CA ILE A 350 -20.21 23.83 18.07
C ILE A 350 -21.64 23.67 17.56
N GLU A 351 -22.06 24.57 16.65
CA GLU A 351 -23.36 24.55 16.00
C GLU A 351 -23.16 24.07 14.56
N VAL A 352 -23.55 22.83 14.27
CA VAL A 352 -23.35 22.23 12.96
C VAL A 352 -24.53 22.40 11.99
N CYS A 353 -24.21 22.53 10.71
CA CYS A 353 -25.19 22.67 9.64
C CYS A 353 -24.72 21.92 8.41
N ALA A 354 -25.45 20.89 7.99
CA ALA A 354 -25.06 20.05 6.86
C ALA A 354 -25.59 20.54 5.53
N TYR A 355 -24.74 20.50 4.50
CA TYR A 355 -25.10 20.82 3.12
C TYR A 355 -24.67 19.69 2.17
N ASP A 356 -25.63 19.04 1.51
CA ASP A 356 -25.35 18.01 0.50
C ASP A 356 -26.44 17.98 -0.59
N PRO A 357 -26.10 18.34 -1.86
CA PRO A 357 -27.12 18.34 -2.93
C PRO A 357 -27.62 16.96 -3.32
N HIS A 358 -26.82 15.91 -3.04
CA HIS A 358 -27.13 14.51 -3.37
C HIS A 358 -27.94 13.81 -2.29
N VAL A 359 -27.89 14.29 -1.04
CA VAL A 359 -28.65 13.68 0.04
C VAL A 359 -29.88 14.50 0.43
N GLU A 360 -31.06 13.85 0.46
CA GLU A 360 -32.32 14.49 0.84
C GLU A 360 -32.72 13.95 2.22
N LEU A 361 -32.59 14.80 3.26
CA LEU A 361 -32.89 14.51 4.67
C LEU A 361 -33.44 15.73 5.40
N ASP A 362 -34.10 15.50 6.56
CA ASP A 362 -34.73 16.49 7.44
C ASP A 362 -33.81 17.63 7.95
N PHE A 363 -32.50 17.35 8.01
CA PHE A 363 -31.47 18.28 8.50
C PHE A 363 -30.59 18.90 7.40
N VAL A 364 -30.77 18.47 6.13
CA VAL A 364 -29.97 18.98 5.01
C VAL A 364 -30.52 20.32 4.52
N GLU A 365 -29.92 21.40 5.08
CA GLU A 365 -30.22 22.83 4.96
C GLU A 365 -30.54 23.43 3.61
N HIS A 366 -31.06 24.69 3.65
CA HIS A 366 -31.43 25.49 2.48
C HIS A 366 -30.22 25.67 1.57
N ASP A 367 -30.40 25.29 0.30
CA ASP A 367 -29.41 25.27 -0.78
C ASP A 367 -28.30 26.35 -0.82
N MET A 368 -27.25 26.03 -0.06
CA MET A 368 -25.92 26.59 0.17
C MET A 368 -25.83 27.89 0.97
N SER A 369 -26.42 28.96 0.43
CA SER A 369 -26.41 30.32 0.99
C SER A 369 -26.93 30.38 2.43
N HIS A 370 -28.06 29.71 2.70
CA HIS A 370 -28.66 29.69 4.03
C HIS A 370 -27.89 28.78 4.99
N ALA A 371 -27.20 27.77 4.44
CA ALA A 371 -26.38 26.83 5.20
C ALA A 371 -25.08 27.49 5.73
N VAL A 372 -24.60 28.57 5.05
CA VAL A 372 -23.38 29.31 5.40
C VAL A 372 -23.58 30.66 6.17
N LYS A 373 -24.79 31.28 6.05
CA LYS A 373 -25.23 32.60 6.57
C LYS A 373 -24.43 33.39 7.66
N ASP A 374 -23.79 32.71 8.62
CA ASP A 374 -23.05 33.23 9.79
C ASP A 374 -22.05 32.18 10.32
N ALA A 375 -21.60 31.27 9.44
CA ALA A 375 -20.67 30.20 9.78
C ALA A 375 -19.24 30.71 9.84
N SER A 376 -18.45 30.18 10.77
CA SER A 376 -17.05 30.57 10.90
C SER A 376 -16.10 29.63 10.13
N LEU A 377 -16.60 28.44 9.70
CA LEU A 377 -15.84 27.40 8.98
C LEU A 377 -16.71 26.47 8.12
N VAL A 378 -16.29 26.25 6.85
CA VAL A 378 -16.89 25.29 5.91
C VAL A 378 -15.95 24.09 5.88
N LEU A 379 -16.47 22.93 6.28
CA LEU A 379 -15.78 21.68 6.35
C LEU A 379 -16.25 20.77 5.21
N ILE A 380 -15.44 20.62 4.15
CA ILE A 380 -15.77 19.76 3.01
C ILE A 380 -15.33 18.32 3.36
N LEU A 381 -16.32 17.36 3.33
CA LEU A 381 -16.10 15.95 3.69
C LEU A 381 -16.39 14.98 2.58
N SER A 382 -16.93 15.48 1.44
CA SER A 382 -17.22 14.67 0.26
C SER A 382 -16.66 15.32 -0.99
N ASP A 383 -16.20 14.52 -1.96
CA ASP A 383 -15.62 15.02 -3.20
C ASP A 383 -16.65 15.15 -4.37
N HIS A 384 -17.80 15.80 -4.06
CA HIS A 384 -18.86 16.05 -5.04
C HIS A 384 -18.36 16.99 -6.12
N SER A 385 -18.72 16.70 -7.40
CA SER A 385 -18.34 17.48 -8.58
C SER A 385 -18.65 18.98 -8.43
N GLU A 386 -19.78 19.29 -7.78
CA GLU A 386 -20.27 20.64 -7.51
C GLU A 386 -19.27 21.45 -6.69
N PHE A 387 -18.50 20.78 -5.82
CA PHE A 387 -17.52 21.42 -4.93
C PHE A 387 -16.19 21.80 -5.61
N LYS A 388 -15.97 21.33 -6.84
CA LYS A 388 -14.74 21.59 -7.60
C LYS A 388 -14.60 23.05 -8.02
N ASN A 389 -15.51 23.55 -8.90
CA ASN A 389 -15.50 24.95 -9.37
C ASN A 389 -16.42 25.72 -8.44
N LEU A 390 -15.84 26.42 -7.47
CA LEU A 390 -16.60 27.15 -6.46
C LEU A 390 -16.04 28.55 -6.24
N SER A 391 -16.86 29.58 -6.55
CA SER A 391 -16.54 31.01 -6.44
C SER A 391 -16.58 31.53 -4.98
N ASP A 392 -16.14 32.81 -4.76
CA ASP A 392 -16.14 33.50 -3.46
C ASP A 392 -17.57 33.90 -3.09
N SER A 393 -18.39 34.12 -4.14
CA SER A 393 -19.81 34.47 -4.15
C SER A 393 -20.65 33.53 -3.28
N HIS A 394 -20.27 32.22 -3.25
CA HIS A 394 -20.96 31.15 -2.52
C HIS A 394 -20.82 31.27 -1.01
N PHE A 395 -19.68 31.83 -0.56
CA PHE A 395 -19.32 31.96 0.85
C PHE A 395 -19.52 33.37 1.42
N ASP A 396 -20.14 34.26 0.60
CA ASP A 396 -20.42 35.67 0.84
C ASP A 396 -21.25 35.99 2.09
N LYS A 397 -21.86 34.98 2.71
CA LYS A 397 -22.70 35.14 3.90
C LYS A 397 -22.02 34.75 5.21
N MET A 398 -20.93 33.97 5.14
CA MET A 398 -20.15 33.47 6.28
C MET A 398 -19.64 34.55 7.24
N LYS A 399 -19.57 34.22 8.56
CA LYS A 399 -19.02 35.08 9.61
C LYS A 399 -17.49 35.20 9.42
N HIS A 400 -16.88 34.12 8.91
CA HIS A 400 -15.45 34.01 8.59
C HIS A 400 -15.34 33.12 7.36
N LYS A 401 -14.77 33.65 6.26
CA LYS A 401 -14.63 32.86 5.03
C LYS A 401 -13.44 31.88 5.08
N VAL A 402 -13.59 30.76 5.83
CA VAL A 402 -12.55 29.72 5.94
C VAL A 402 -13.07 28.34 5.52
N ILE A 403 -12.26 27.62 4.72
CA ILE A 403 -12.56 26.27 4.22
C ILE A 403 -11.49 25.27 4.65
N PHE A 404 -11.90 24.17 5.32
CA PHE A 404 -11.01 23.03 5.63
C PHE A 404 -11.51 21.84 4.81
N ASP A 405 -10.80 21.56 3.71
CA ASP A 405 -11.12 20.52 2.77
C ASP A 405 -10.35 19.22 3.06
N THR A 406 -11.07 18.23 3.61
CA THR A 406 -10.51 16.92 3.96
C THR A 406 -10.40 15.99 2.72
N LYS A 407 -10.95 16.43 1.57
CA LYS A 407 -10.97 15.65 0.32
C LYS A 407 -10.10 16.21 -0.83
N ASN A 408 -9.59 17.47 -0.71
CA ASN A 408 -8.82 18.18 -1.74
C ASN A 408 -9.60 18.25 -3.08
N VAL A 409 -10.86 18.65 -3.00
CA VAL A 409 -11.79 18.73 -4.12
C VAL A 409 -11.83 20.12 -4.82
N VAL A 410 -11.70 21.21 -4.03
CA VAL A 410 -11.75 22.58 -4.57
C VAL A 410 -10.55 22.85 -5.46
N LYS A 411 -10.82 23.15 -6.73
CA LYS A 411 -9.77 23.43 -7.72
C LYS A 411 -9.78 24.90 -8.16
N SER A 412 -10.93 25.58 -7.96
CA SER A 412 -11.15 26.99 -8.29
C SER A 412 -10.40 27.86 -7.28
N SER A 413 -9.39 28.60 -7.78
CA SER A 413 -8.54 29.51 -7.00
C SER A 413 -9.35 30.74 -6.59
N PHE A 414 -9.22 31.20 -5.33
CA PHE A 414 -9.97 32.37 -4.86
C PHE A 414 -9.30 33.30 -3.85
N GLU A 415 -9.70 34.58 -3.89
CA GLU A 415 -9.22 35.67 -3.01
C GLU A 415 -10.28 36.11 -1.98
N ASP A 416 -9.86 36.28 -0.72
CA ASP A 416 -10.62 36.64 0.49
C ASP A 416 -11.06 35.46 1.35
N VAL A 417 -11.38 34.31 0.70
CA VAL A 417 -11.66 33.02 1.36
C VAL A 417 -10.29 32.36 1.67
N LEU A 418 -10.09 31.92 2.93
CA LEU A 418 -8.89 31.21 3.37
C LEU A 418 -9.11 29.71 3.15
N TYR A 419 -8.41 29.12 2.15
CA TYR A 419 -8.53 27.69 1.82
C TYR A 419 -7.45 26.83 2.44
N TYR A 420 -7.90 25.84 3.23
CA TYR A 420 -7.08 24.84 3.91
C TYR A 420 -7.46 23.43 3.52
N ASN A 421 -6.46 22.56 3.46
CA ASN A 421 -6.62 21.14 3.17
C ASN A 421 -5.65 20.36 4.05
N TYR A 422 -5.57 19.03 3.90
CA TYR A 422 -4.68 18.21 4.73
C TYR A 422 -3.22 18.63 4.63
N GLY A 423 -2.87 19.18 3.48
CA GLY A 423 -1.55 19.64 3.15
C GLY A 423 -1.10 20.91 3.84
N ASN A 424 -2.01 21.81 4.21
CA ASN A 424 -1.60 23.09 4.82
C ASN A 424 -2.35 23.53 6.08
N ILE A 425 -3.22 22.69 6.65
CA ILE A 425 -3.97 23.08 7.85
C ILE A 425 -3.10 23.52 9.05
N PHE A 426 -1.85 22.98 9.15
CA PHE A 426 -0.87 23.34 10.20
C PHE A 426 -0.53 24.84 10.21
N ASN A 427 -0.76 25.55 9.07
CA ASN A 427 -0.55 26.98 8.89
C ASN A 427 -1.52 27.82 9.73
N PHE A 428 -2.80 27.40 9.80
CA PHE A 428 -3.82 28.08 10.61
C PHE A 428 -3.56 27.86 12.11
N ILE A 429 -3.07 26.66 12.48
CA ILE A 429 -2.72 26.17 13.84
C ILE A 429 -3.89 25.37 14.46
N SER B 12 33.60 26.37 -9.37
CA SER B 12 34.82 25.91 -10.05
C SER B 12 35.45 24.69 -9.35
N LYS B 13 35.41 24.66 -8.00
CA LYS B 13 35.92 23.56 -7.19
C LYS B 13 34.79 22.86 -6.42
N LEU B 14 34.80 21.52 -6.41
CA LEU B 14 33.83 20.71 -5.69
C LEU B 14 34.47 19.63 -4.81
N THR B 15 34.02 19.52 -3.57
CA THR B 15 34.44 18.48 -2.66
C THR B 15 33.27 17.47 -2.47
N VAL B 16 33.57 16.19 -2.67
CA VAL B 16 32.61 15.11 -2.45
C VAL B 16 33.07 14.36 -1.18
N VAL B 17 32.27 14.41 -0.14
CA VAL B 17 32.56 13.76 1.14
C VAL B 17 31.88 12.39 1.19
N GLY B 18 32.68 11.34 1.11
CA GLY B 18 32.21 9.96 1.06
C GLY B 18 32.42 9.44 -0.34
N LEU B 19 33.27 8.43 -0.49
CA LEU B 19 33.58 7.89 -1.82
C LEU B 19 33.20 6.43 -2.02
N GLY B 20 31.93 6.12 -1.75
CA GLY B 20 31.38 4.80 -1.98
C GLY B 20 30.67 4.71 -3.30
N TYR B 21 29.60 3.90 -3.35
CA TYR B 21 28.78 3.69 -4.56
C TYR B 21 28.09 4.93 -5.10
N ILE B 22 27.82 5.90 -4.21
CA ILE B 22 27.22 7.19 -4.57
C ILE B 22 28.33 8.24 -4.87
N GLY B 23 29.20 8.51 -3.89
CA GLY B 23 30.25 9.52 -3.95
C GLY B 23 31.32 9.36 -5.01
N LEU B 24 31.91 8.16 -5.15
CA LEU B 24 32.95 7.95 -6.15
C LEU B 24 32.47 8.19 -7.59
N PRO B 25 31.39 7.54 -8.10
CA PRO B 25 30.92 7.85 -9.46
C PRO B 25 30.54 9.32 -9.66
N THR B 26 29.94 9.96 -8.63
CA THR B 26 29.57 11.39 -8.63
C THR B 26 30.82 12.27 -8.79
N SER B 27 31.89 12.00 -8.01
CA SER B 27 33.16 12.74 -8.13
C SER B 27 33.71 12.57 -9.55
N ILE B 28 33.69 11.31 -10.05
CA ILE B 28 34.17 10.96 -11.39
C ILE B 28 33.39 11.74 -12.47
N MET B 29 32.06 11.83 -12.30
CA MET B 29 31.13 12.51 -13.20
C MET B 29 31.37 14.03 -13.34
N PHE B 30 31.51 14.77 -12.22
CA PHE B 30 31.77 16.21 -12.26
C PHE B 30 33.15 16.52 -12.86
N ALA B 31 34.17 15.68 -12.52
CA ALA B 31 35.55 15.81 -12.99
C ALA B 31 35.63 15.53 -14.50
N LYS B 32 34.77 14.63 -15.02
CA LYS B 32 34.64 14.27 -16.43
C LYS B 32 34.15 15.49 -17.25
N HIS B 33 33.49 16.44 -16.56
CA HIS B 33 32.91 17.66 -17.15
C HIS B 33 33.72 18.95 -16.85
N GLY B 34 34.98 18.77 -16.44
CA GLY B 34 35.91 19.87 -16.19
C GLY B 34 35.94 20.51 -14.81
N VAL B 35 35.17 19.98 -13.86
CA VAL B 35 35.15 20.53 -12.49
C VAL B 35 36.34 19.94 -11.69
N ASP B 36 37.02 20.79 -10.88
CA ASP B 36 38.16 20.36 -10.05
C ASP B 36 37.56 19.75 -8.81
N VAL B 37 37.69 18.42 -8.70
CA VAL B 37 37.07 17.62 -7.67
C VAL B 37 38.05 17.06 -6.67
N LEU B 38 37.76 17.27 -5.39
CA LEU B 38 38.48 16.68 -4.29
C LEU B 38 37.55 15.64 -3.66
N GLY B 39 37.94 14.37 -3.77
CA GLY B 39 37.21 13.26 -3.18
C GLY B 39 37.69 13.08 -1.75
N VAL B 40 36.76 13.03 -0.79
CA VAL B 40 37.06 12.87 0.61
C VAL B 40 36.47 11.58 1.18
N ASP B 41 37.33 10.74 1.80
CA ASP B 41 36.98 9.50 2.50
C ASP B 41 37.87 9.26 3.71
N ILE B 42 37.28 8.83 4.84
CA ILE B 42 37.98 8.51 6.09
C ILE B 42 38.67 7.15 6.03
N ASN B 43 38.29 6.27 5.06
CA ASN B 43 38.92 4.96 4.91
C ASN B 43 40.22 5.07 4.10
N GLN B 44 41.38 4.85 4.77
CA GLN B 44 42.70 4.94 4.16
C GLN B 44 42.88 3.86 3.09
N GLN B 45 42.32 2.67 3.31
CA GLN B 45 42.37 1.55 2.36
C GLN B 45 41.75 1.99 1.03
N THR B 46 40.61 2.69 1.08
CA THR B 46 39.89 3.27 -0.05
C THR B 46 40.77 4.30 -0.78
N ILE B 47 41.36 5.26 -0.01
CA ILE B 47 42.24 6.32 -0.48
C ILE B 47 43.53 5.75 -1.15
N ASP B 48 44.13 4.71 -0.54
CA ASP B 48 45.32 4.05 -1.08
C ASP B 48 45.03 3.40 -2.41
N LYS B 49 43.89 2.70 -2.51
CA LYS B 49 43.39 2.05 -3.73
C LYS B 49 43.23 3.13 -4.83
N LEU B 50 42.54 4.24 -4.49
CA LEU B 50 42.29 5.36 -5.39
C LEU B 50 43.56 6.05 -5.84
N GLN B 51 44.46 6.39 -4.89
CA GLN B 51 45.76 7.01 -5.17
C GLN B 51 46.68 6.12 -6.01
N ASN B 52 46.47 4.79 -5.96
CA ASN B 52 47.20 3.79 -6.74
C ASN B 52 46.49 3.51 -8.11
N GLY B 53 45.55 4.38 -8.46
CA GLY B 53 44.85 4.36 -9.74
C GLY B 53 43.69 3.40 -9.90
N GLN B 54 43.35 2.64 -8.87
CA GLN B 54 42.24 1.69 -8.92
C GLN B 54 40.99 2.21 -8.22
N ILE B 55 39.80 1.95 -8.81
CA ILE B 55 38.52 2.32 -8.19
C ILE B 55 38.30 1.42 -6.97
N SER B 56 37.70 1.98 -5.90
CA SER B 56 37.42 1.30 -4.65
C SER B 56 36.07 0.54 -4.68
N ILE B 57 35.29 0.69 -5.77
CA ILE B 57 33.97 0.05 -5.93
C ILE B 57 33.95 -0.87 -7.17
N GLU B 58 32.95 -1.74 -7.23
CA GLU B 58 32.73 -2.68 -8.33
C GLU B 58 31.62 -2.11 -9.21
N GLU B 59 32.01 -1.53 -10.35
CA GLU B 59 31.09 -1.02 -11.36
C GLU B 59 31.75 -1.14 -12.74
N PRO B 60 31.18 -1.97 -13.67
CA PRO B 60 31.75 -2.09 -15.03
C PRO B 60 31.92 -0.76 -15.74
N GLY B 61 33.03 -0.62 -16.42
CA GLY B 61 33.35 0.57 -17.19
C GLY B 61 33.84 1.78 -16.43
N LEU B 62 33.68 1.78 -15.08
CA LEU B 62 34.07 2.93 -14.26
C LEU B 62 35.57 3.12 -14.16
N GLN B 63 36.34 2.02 -14.05
CA GLN B 63 37.80 2.02 -13.99
C GLN B 63 38.42 2.82 -15.14
N GLU B 64 37.86 2.64 -16.37
CA GLU B 64 38.24 3.30 -17.61
C GLU B 64 38.01 4.81 -17.51
N VAL B 65 36.85 5.22 -16.97
CA VAL B 65 36.46 6.63 -16.80
C VAL B 65 37.34 7.26 -15.74
N TYR B 66 37.56 6.53 -14.61
CA TYR B 66 38.42 6.96 -13.52
C TYR B 66 39.85 7.20 -13.98
N GLU B 67 40.39 6.32 -14.85
CA GLU B 67 41.74 6.43 -15.43
C GLU B 67 41.91 7.71 -16.24
N GLU B 68 40.90 8.12 -17.03
CA GLU B 68 40.90 9.36 -17.82
C GLU B 68 40.93 10.60 -16.92
N VAL B 69 40.03 10.62 -15.94
CA VAL B 69 39.80 11.68 -14.97
C VAL B 69 40.95 11.88 -13.98
N LEU B 70 41.60 10.77 -13.57
CA LEU B 70 42.75 10.82 -12.63
C LEU B 70 43.96 11.43 -13.36
N SER B 71 44.18 11.02 -14.63
CA SER B 71 45.27 11.50 -15.49
C SER B 71 45.12 12.98 -15.89
N SER B 72 43.87 13.48 -16.01
CA SER B 72 43.60 14.87 -16.37
C SER B 72 43.88 15.84 -15.19
N GLY B 73 44.07 15.29 -13.99
CA GLY B 73 44.32 16.07 -12.78
C GLY B 73 43.07 16.72 -12.21
N LYS B 74 41.88 16.36 -12.75
CA LYS B 74 40.59 16.90 -12.31
C LYS B 74 40.11 16.26 -11.00
N LEU B 75 40.45 14.98 -10.78
CA LEU B 75 40.06 14.29 -9.55
C LEU B 75 41.24 13.92 -8.68
N LYS B 76 41.33 14.58 -7.53
CA LYS B 76 42.32 14.33 -6.50
C LYS B 76 41.54 13.79 -5.31
N VAL B 77 42.18 12.96 -4.50
CA VAL B 77 41.56 12.34 -3.35
C VAL B 77 42.33 12.72 -2.07
N SER B 78 41.67 12.62 -0.90
CA SER B 78 42.21 12.97 0.43
C SER B 78 41.31 12.41 1.56
N THR B 79 41.84 12.36 2.80
CA THR B 79 41.11 11.96 4.01
C THR B 79 40.58 13.22 4.71
N THR B 80 40.98 14.40 4.18
CA THR B 80 40.67 15.72 4.72
C THR B 80 39.95 16.59 3.69
N PRO B 81 38.90 17.35 4.07
CA PRO B 81 38.30 18.29 3.13
C PRO B 81 39.18 19.53 3.01
N GLU B 82 38.92 20.35 2.01
CA GLU B 82 39.67 21.60 1.80
C GLU B 82 38.64 22.63 1.29
N ALA B 83 38.99 23.93 1.32
CA ALA B 83 38.12 25.00 0.84
C ALA B 83 37.59 24.67 -0.54
N SER B 84 36.29 24.91 -0.76
CA SER B 84 35.62 24.58 -2.02
C SER B 84 34.38 25.48 -2.25
N ASP B 85 33.86 25.47 -3.48
CA ASP B 85 32.65 26.24 -3.82
C ASP B 85 31.41 25.43 -3.47
N VAL B 86 31.46 24.10 -3.73
CA VAL B 86 30.37 23.16 -3.51
C VAL B 86 30.89 22.00 -2.67
N PHE B 87 30.08 21.55 -1.72
CA PHE B 87 30.36 20.37 -0.90
C PHE B 87 29.19 19.42 -1.02
N ILE B 88 29.46 18.16 -1.37
CA ILE B 88 28.45 17.12 -1.48
C ILE B 88 28.71 16.05 -0.41
N ILE B 89 27.76 15.85 0.52
CA ILE B 89 27.86 14.80 1.53
C ILE B 89 27.15 13.57 0.95
N ALA B 90 27.91 12.48 0.75
CA ALA B 90 27.47 11.19 0.21
C ALA B 90 27.99 10.05 1.10
N VAL B 91 27.97 10.26 2.42
CA VAL B 91 28.40 9.28 3.43
C VAL B 91 27.23 8.30 3.71
N PRO B 92 27.41 7.15 4.42
CA PRO B 92 26.26 6.27 4.66
C PRO B 92 25.35 6.72 5.80
N THR B 93 24.11 6.26 5.75
CA THR B 93 23.11 6.52 6.80
C THR B 93 22.70 5.17 7.33
N PRO B 94 23.49 4.61 8.27
CA PRO B 94 23.18 3.26 8.78
C PRO B 94 21.81 3.15 9.46
N ASN B 95 21.35 1.92 9.66
CA ASN B 95 20.06 1.78 10.31
C ASN B 95 20.23 1.73 11.82
N ASN B 96 19.40 2.50 12.52
CA ASN B 96 19.42 2.60 13.97
C ASN B 96 18.88 1.30 14.60
N ASP B 97 19.44 0.90 15.76
CA ASP B 97 18.95 -0.27 16.47
C ASP B 97 17.67 0.15 17.18
N ASP B 98 16.57 0.10 16.41
CA ASP B 98 15.20 0.46 16.76
C ASP B 98 14.20 -0.25 15.82
N GLN B 99 12.95 -0.39 16.31
CA GLN B 99 11.80 -1.05 15.70
C GLN B 99 11.50 -0.51 14.29
N TYR B 100 11.21 0.81 14.23
CA TYR B 100 10.85 1.64 13.07
C TYR B 100 11.90 1.69 11.95
N ARG B 101 13.14 1.26 12.24
CA ARG B 101 14.31 1.36 11.36
C ARG B 101 14.49 2.80 10.83
N SER B 102 14.91 3.66 11.75
CA SER B 102 15.16 5.05 11.44
C SER B 102 16.54 5.18 10.84
N CYS B 103 16.73 6.22 10.03
CA CYS B 103 18.02 6.50 9.42
C CYS B 103 18.91 7.11 10.47
N ASP B 104 20.16 6.68 10.51
CA ASP B 104 21.13 7.26 11.42
C ASP B 104 21.84 8.41 10.69
N ILE B 105 21.63 9.67 11.15
CA ILE B 105 22.23 10.87 10.54
C ILE B 105 23.62 11.23 11.10
N SER B 106 24.17 10.39 11.99
CA SER B 106 25.46 10.60 12.66
C SER B 106 26.65 10.78 11.74
N LEU B 107 26.76 9.98 10.65
CA LEU B 107 27.89 10.11 9.72
C LEU B 107 27.78 11.36 8.88
N VAL B 108 26.53 11.79 8.61
CA VAL B 108 26.20 13.03 7.89
C VAL B 108 26.58 14.26 8.75
N MET B 109 26.34 14.19 10.06
CA MET B 109 26.66 15.26 10.98
C MET B 109 28.18 15.32 11.24
N ARG B 110 28.84 14.14 11.34
CA ARG B 110 30.30 14.05 11.46
C ARG B 110 30.93 14.64 10.20
N ALA B 111 30.39 14.28 9.00
CA ALA B 111 30.83 14.79 7.72
C ALA B 111 30.56 16.29 7.59
N LEU B 112 29.45 16.79 8.20
CA LEU B 112 29.14 18.21 8.21
C LEU B 112 30.21 18.96 9.02
N ASP B 113 30.63 18.40 10.18
CA ASP B 113 31.66 19.01 11.04
C ASP B 113 33.06 19.08 10.41
N SER B 114 33.37 18.18 9.46
CA SER B 114 34.67 18.13 8.73
C SER B 114 34.78 19.29 7.72
N ILE B 115 33.63 19.72 7.21
CA ILE B 115 33.41 20.74 6.20
C ILE B 115 33.41 22.17 6.78
N LEU B 116 32.83 22.34 7.99
CA LEU B 116 32.66 23.61 8.71
C LEU B 116 33.88 24.55 8.75
N PRO B 117 35.11 24.10 9.16
CA PRO B 117 36.26 25.03 9.18
C PRO B 117 36.68 25.60 7.82
N PHE B 118 36.21 25.01 6.71
CA PHE B 118 36.58 25.42 5.37
C PHE B 118 35.53 26.29 4.69
N LEU B 119 34.38 26.51 5.36
CA LEU B 119 33.26 27.27 4.83
C LEU B 119 33.52 28.75 4.60
N LYS B 120 33.17 29.22 3.41
CA LYS B 120 33.30 30.61 2.98
C LYS B 120 31.95 31.09 2.45
N LYS B 121 31.70 32.41 2.45
CA LYS B 121 30.44 32.95 1.92
C LYS B 121 30.28 32.62 0.43
N GLY B 122 29.06 32.23 0.04
CA GLY B 122 28.71 31.86 -1.33
C GLY B 122 28.68 30.36 -1.60
N ASN B 123 29.17 29.55 -0.63
CA ASN B 123 29.26 28.09 -0.71
C ASN B 123 27.91 27.36 -0.71
N THR B 124 27.87 26.18 -1.37
CA THR B 124 26.70 25.31 -1.44
C THR B 124 27.00 23.97 -0.76
N ILE B 125 26.09 23.52 0.12
CA ILE B 125 26.17 22.22 0.79
C ILE B 125 25.01 21.40 0.28
N ILE B 126 25.32 20.29 -0.38
CA ILE B 126 24.35 19.33 -0.90
C ILE B 126 24.49 18.06 -0.08
N VAL B 127 23.36 17.57 0.46
CA VAL B 127 23.34 16.32 1.19
C VAL B 127 22.65 15.32 0.25
N GLU B 128 23.44 14.36 -0.30
CA GLU B 128 22.94 13.34 -1.22
C GLU B 128 22.49 12.07 -0.48
N SER B 129 22.97 11.88 0.74
CA SER B 129 22.67 10.78 1.65
C SER B 129 21.20 10.78 2.06
N THR B 130 20.66 9.63 2.44
CA THR B 130 19.28 9.53 2.90
C THR B 130 19.16 10.19 4.24
N ILE B 131 18.24 11.16 4.36
CA ILE B 131 18.06 11.86 5.62
C ILE B 131 16.61 11.87 6.08
N ALA B 132 16.41 11.83 7.41
CA ALA B 132 15.08 11.88 8.01
C ALA B 132 14.46 13.23 7.75
N PRO B 133 13.12 13.34 7.62
CA PRO B 133 12.54 14.67 7.35
C PRO B 133 12.86 15.65 8.46
N LYS B 134 13.12 16.90 8.05
CA LYS B 134 13.50 18.03 8.90
C LYS B 134 14.97 18.10 9.33
N THR B 135 15.84 17.28 8.72
CA THR B 135 17.30 17.25 8.97
C THR B 135 17.94 18.54 8.47
N MET B 136 17.57 18.95 7.25
CA MET B 136 18.13 20.16 6.65
C MET B 136 17.77 21.40 7.47
N ASP B 137 16.49 21.54 7.81
CA ASP B 137 15.91 22.63 8.57
C ASP B 137 16.25 22.64 10.07
N ASP B 138 16.13 21.50 10.75
CA ASP B 138 16.33 21.42 12.21
C ASP B 138 17.70 20.99 12.71
N PHE B 139 18.55 20.40 11.83
CA PHE B 139 19.86 19.88 12.22
C PHE B 139 21.01 20.51 11.45
N VAL B 140 20.89 20.66 10.12
CA VAL B 140 21.94 21.23 9.29
C VAL B 140 21.95 22.76 9.43
N LYS B 141 20.78 23.41 9.20
CA LYS B 141 20.57 24.86 9.31
C LYS B 141 21.05 25.47 10.66
N PRO B 142 20.63 24.96 11.85
CA PRO B 142 21.14 25.53 13.13
C PRO B 142 22.65 25.50 13.33
N VAL B 143 23.32 24.45 12.84
CA VAL B 143 24.77 24.28 12.93
C VAL B 143 25.46 25.37 12.09
N ILE B 144 24.95 25.59 10.86
CA ILE B 144 25.50 26.57 9.94
C ILE B 144 25.21 27.99 10.43
N GLU B 145 23.99 28.24 10.92
CA GLU B 145 23.60 29.55 11.45
C GLU B 145 24.35 29.94 12.74
N ASN B 146 24.89 28.94 13.45
CA ASN B 146 25.70 29.11 14.64
C ASN B 146 27.04 29.78 14.30
N LEU B 147 27.50 29.61 13.05
CA LEU B 147 28.70 30.25 12.47
C LEU B 147 28.18 31.56 11.84
N GLY B 148 29.03 32.43 11.32
CA GLY B 148 28.52 33.67 10.72
C GLY B 148 27.79 33.50 9.40
N PHE B 149 26.70 32.69 9.39
CA PHE B 149 25.97 32.38 8.15
C PHE B 149 24.45 32.53 8.17
N THR B 150 23.89 32.93 7.00
CA THR B 150 22.47 33.13 6.71
C THR B 150 22.13 32.28 5.48
N ILE B 151 21.24 31.29 5.66
CA ILE B 151 20.86 30.34 4.61
C ILE B 151 20.03 31.02 3.52
N GLY B 152 20.49 30.89 2.28
CA GLY B 152 19.86 31.51 1.11
C GLY B 152 20.50 32.84 0.76
N GLU B 153 21.40 33.32 1.64
CA GLU B 153 22.12 34.58 1.49
C GLU B 153 23.62 34.33 1.38
N ASP B 154 24.23 33.81 2.47
CA ASP B 154 25.66 33.51 2.59
C ASP B 154 26.04 32.10 2.08
N ILE B 155 25.23 31.07 2.42
CA ILE B 155 25.42 29.68 1.99
C ILE B 155 24.13 29.03 1.54
N TYR B 156 24.25 28.03 0.66
CA TYR B 156 23.09 27.34 0.12
C TYR B 156 22.99 25.90 0.57
N LEU B 157 21.84 25.54 1.16
CA LEU B 157 21.58 24.21 1.68
C LEU B 157 20.58 23.44 0.78
N VAL B 158 21.07 22.39 0.09
CA VAL B 158 20.30 21.54 -0.82
C VAL B 158 20.32 20.06 -0.35
N HIS B 159 19.14 19.41 -0.36
CA HIS B 159 19.02 17.97 -0.19
C HIS B 159 18.64 17.48 -1.56
N CYS B 160 19.52 16.72 -2.19
CA CYS B 160 19.22 16.07 -3.45
C CYS B 160 19.46 14.57 -3.24
N PRO B 161 18.40 13.78 -3.02
CA PRO B 161 18.58 12.36 -2.77
C PRO B 161 19.16 11.60 -3.95
N GLU B 162 20.27 10.94 -3.67
CA GLU B 162 20.98 10.19 -4.68
C GLU B 162 20.69 8.69 -4.59
N ARG B 163 20.32 8.13 -5.74
CA ARG B 163 20.00 6.72 -5.85
C ARG B 163 20.59 6.25 -7.16
N VAL B 164 21.59 5.35 -7.07
CA VAL B 164 22.33 4.80 -8.22
C VAL B 164 21.87 3.42 -8.63
N LEU B 165 21.80 3.19 -9.96
CA LEU B 165 21.46 1.92 -10.58
C LEU B 165 22.76 1.19 -10.86
N PRO B 166 23.10 0.11 -10.12
CA PRO B 166 24.35 -0.62 -10.42
C PRO B 166 24.36 -1.25 -11.82
N GLY B 167 25.50 -1.14 -12.47
CA GLY B 167 25.72 -1.58 -13.85
C GLY B 167 25.51 -0.47 -14.84
N LYS B 168 24.73 0.56 -14.44
CA LYS B 168 24.38 1.73 -15.25
C LYS B 168 24.50 3.02 -14.45
N ILE B 169 25.42 3.08 -13.45
CA ILE B 169 25.59 4.23 -12.54
C ILE B 169 25.76 5.57 -13.23
N LEU B 170 26.77 5.69 -14.11
CA LEU B 170 27.05 6.95 -14.82
C LEU B 170 25.91 7.38 -15.72
N GLU B 171 25.33 6.45 -16.50
CA GLU B 171 24.19 6.80 -17.35
C GLU B 171 23.02 7.24 -16.50
N GLU B 172 22.72 6.47 -15.42
CA GLU B 172 21.68 6.78 -14.45
C GLU B 172 21.87 8.17 -13.81
N LEU B 173 23.10 8.57 -13.51
CA LEU B 173 23.45 9.86 -12.92
C LEU B 173 23.10 11.04 -13.85
N VAL B 174 23.25 10.84 -15.18
CA VAL B 174 22.98 11.84 -16.21
C VAL B 174 21.47 11.99 -16.57
N HIS B 175 20.82 10.85 -16.90
CA HIS B 175 19.43 10.77 -17.40
C HIS B 175 18.27 10.71 -16.42
N ASN B 176 18.53 10.40 -15.14
CA ASN B 176 17.47 10.36 -14.14
C ASN B 176 16.96 11.74 -13.80
N ASN B 177 15.65 11.82 -13.51
CA ASN B 177 15.01 13.02 -13.00
C ASN B 177 15.51 13.19 -11.57
N ARG B 178 15.72 14.42 -11.17
CA ARG B 178 16.36 14.73 -9.92
C ARG B 178 15.51 15.66 -9.08
N ILE B 179 15.43 15.37 -7.78
CA ILE B 179 14.74 16.23 -6.84
C ILE B 179 15.76 17.18 -6.21
N ILE B 180 15.51 18.51 -6.33
CA ILE B 180 16.37 19.55 -5.75
C ILE B 180 15.54 20.16 -4.63
N GLY B 181 15.86 19.78 -3.39
CA GLY B 181 15.19 20.27 -2.19
C GLY B 181 16.00 21.33 -1.48
N GLY B 182 15.73 22.60 -1.78
CA GLY B 182 16.40 23.73 -1.15
C GLY B 182 15.71 24.19 0.12
N VAL B 183 16.51 24.73 1.08
CA VAL B 183 15.97 25.25 2.35
C VAL B 183 15.21 26.54 2.03
N THR B 184 15.72 27.31 1.05
CA THR B 184 15.16 28.56 0.54
C THR B 184 15.05 28.42 -0.98
N LYS B 185 14.36 29.36 -1.64
CA LYS B 185 14.21 29.38 -3.10
C LYS B 185 15.58 29.67 -3.77
N ALA B 186 16.48 30.39 -3.06
CA ALA B 186 17.84 30.70 -3.54
C ALA B 186 18.70 29.42 -3.55
N CYS B 187 18.53 28.55 -2.51
CA CYS B 187 19.20 27.25 -2.34
C CYS B 187 18.85 26.34 -3.52
N ILE B 188 17.57 26.38 -3.94
CA ILE B 188 17.06 25.63 -5.10
C ILE B 188 17.83 26.03 -6.36
N GLU B 189 18.06 27.33 -6.57
CA GLU B 189 18.78 27.86 -7.73
C GLU B 189 20.25 27.43 -7.74
N ALA B 190 20.89 27.43 -6.54
CA ALA B 190 22.26 26.99 -6.34
C ALA B 190 22.43 25.49 -6.68
N GLY B 191 21.44 24.69 -6.27
CA GLY B 191 21.37 23.25 -6.55
C GLY B 191 21.29 22.96 -8.03
N LYS B 192 20.44 23.70 -8.75
CA LYS B 192 20.28 23.58 -10.21
C LYS B 192 21.58 23.91 -10.92
N ARG B 193 22.30 24.94 -10.41
CA ARG B 193 23.58 25.40 -10.96
C ARG B 193 24.61 24.25 -10.96
N VAL B 194 24.65 23.51 -9.83
CA VAL B 194 25.57 22.39 -9.63
C VAL B 194 25.29 21.23 -10.57
N TYR B 195 24.07 20.73 -10.57
CA TYR B 195 23.65 19.58 -11.38
C TYR B 195 23.55 19.82 -12.89
N ARG B 196 23.35 21.09 -13.28
CA ARG B 196 23.24 21.52 -14.68
C ARG B 196 24.46 21.10 -15.52
N THR B 197 25.63 20.87 -14.84
CA THR B 197 26.93 20.44 -15.36
C THR B 197 26.85 19.22 -16.26
N PHE B 198 26.00 18.22 -15.91
CA PHE B 198 25.86 16.97 -16.67
C PHE B 198 24.45 16.39 -16.66
N VAL B 199 23.58 16.86 -15.73
CA VAL B 199 22.21 16.33 -15.64
C VAL B 199 21.35 16.78 -16.84
N GLN B 200 20.93 15.79 -17.64
CA GLN B 200 20.07 15.91 -18.81
C GLN B 200 18.62 15.59 -18.42
N GLY B 201 18.45 14.88 -17.30
CA GLY B 201 17.15 14.53 -16.75
C GLY B 201 16.46 15.76 -16.21
N GLU B 202 15.17 15.63 -15.87
CA GLU B 202 14.36 16.71 -15.34
C GLU B 202 14.80 17.04 -13.92
N MET B 203 14.79 18.31 -13.56
CA MET B 203 15.12 18.72 -12.20
C MET B 203 13.87 19.27 -11.54
N ILE B 204 13.34 18.50 -10.59
CA ILE B 204 12.13 18.83 -9.85
C ILE B 204 12.54 19.76 -8.71
N GLU B 205 11.93 20.95 -8.68
CA GLU B 205 12.20 21.98 -7.70
C GLU B 205 11.20 21.88 -6.58
N THR B 206 11.71 21.85 -5.34
CA THR B 206 10.89 21.77 -4.13
C THR B 206 11.70 22.21 -2.93
N ASP B 207 11.11 22.25 -1.75
CA ASP B 207 11.85 22.57 -0.54
C ASP B 207 12.43 21.28 0.10
N ALA B 208 13.49 21.45 0.91
CA ALA B 208 14.23 20.37 1.56
C ALA B 208 13.35 19.36 2.29
N ARG B 209 12.37 19.83 3.09
CA ARG B 209 11.45 18.95 3.82
C ARG B 209 10.59 18.04 2.92
N THR B 210 10.17 18.54 1.74
CA THR B 210 9.38 17.79 0.77
C THR B 210 10.23 16.73 0.11
N ALA B 211 11.51 17.05 -0.20
CA ALA B 211 12.47 16.15 -0.80
C ALA B 211 12.79 14.98 0.17
N GLU B 212 12.97 15.31 1.46
CA GLU B 212 13.25 14.33 2.50
C GLU B 212 12.06 13.35 2.65
N MET B 213 10.86 13.89 2.94
CA MET B 213 9.61 13.18 3.18
C MET B 213 9.20 12.26 2.04
N SER B 214 9.33 12.75 0.81
CA SER B 214 9.00 12.07 -0.42
C SER B 214 9.79 10.77 -0.59
N LYS B 215 11.09 10.84 -0.36
CA LYS B 215 11.95 9.68 -0.58
C LYS B 215 11.74 8.57 0.44
N LEU B 216 11.38 8.99 1.62
CA LEU B 216 11.09 8.12 2.72
C LEU B 216 9.70 7.52 2.63
N MET B 217 8.72 8.27 2.07
CA MET B 217 7.36 7.82 1.78
C MET B 217 7.37 6.70 0.72
N GLU B 218 8.32 6.76 -0.24
CA GLU B 218 8.54 5.77 -1.28
C GLU B 218 8.94 4.45 -0.60
N ASN B 219 9.89 4.53 0.34
CA ASN B 219 10.39 3.41 1.11
C ASN B 219 9.32 2.78 1.99
N THR B 220 8.48 3.62 2.58
CA THR B 220 7.37 3.31 3.49
C THR B 220 6.20 2.64 2.77
N TYR B 221 5.78 3.19 1.60
CA TYR B 221 4.73 2.59 0.79
C TYR B 221 5.15 1.16 0.46
N ARG B 222 6.41 0.99 0.08
CA ARG B 222 6.98 -0.30 -0.26
C ARG B 222 7.05 -1.25 0.93
N ASP B 223 7.42 -0.77 2.15
CA ASP B 223 7.55 -1.61 3.33
C ASP B 223 6.22 -2.10 3.86
N VAL B 224 5.24 -1.18 4.00
CA VAL B 224 3.90 -1.43 4.47
C VAL B 224 3.18 -2.43 3.51
N ASN B 225 3.41 -2.26 2.18
CA ASN B 225 2.80 -3.13 1.19
C ASN B 225 3.40 -4.55 1.14
N ILE B 226 4.71 -4.64 1.41
CA ILE B 226 5.42 -5.90 1.51
C ILE B 226 4.91 -6.61 2.78
N ALA B 227 4.77 -5.86 3.90
CA ALA B 227 4.21 -6.37 5.17
C ALA B 227 2.80 -6.95 4.92
N LEU B 228 1.98 -6.25 4.13
CA LEU B 228 0.64 -6.71 3.77
C LEU B 228 0.67 -8.07 3.05
N ALA B 229 1.54 -8.21 2.05
CA ALA B 229 1.78 -9.42 1.28
C ALA B 229 2.24 -10.55 2.18
N ASN B 230 3.21 -10.27 3.08
CA ASN B 230 3.75 -11.22 4.04
C ASN B 230 2.73 -11.69 5.06
N GLU B 231 1.90 -10.77 5.55
CA GLU B 231 0.85 -11.09 6.51
C GLU B 231 -0.21 -12.00 5.84
N LEU B 232 -0.52 -11.69 4.58
CA LEU B 232 -1.47 -12.43 3.77
C LEU B 232 -0.99 -13.84 3.49
N THR B 233 0.33 -13.99 3.25
CA THR B 233 1.01 -15.28 3.04
C THR B 233 0.81 -16.20 4.26
N LYS B 234 0.94 -15.62 5.48
CA LYS B 234 0.74 -16.40 6.70
C LYS B 234 -0.72 -16.88 6.81
N ILE B 235 -1.69 -16.02 6.49
CA ILE B 235 -3.13 -16.28 6.52
C ILE B 235 -3.49 -17.39 5.52
N CYS B 236 -3.05 -17.21 4.24
CA CYS B 236 -3.24 -18.12 3.12
C CYS B 236 -2.65 -19.48 3.36
N ASN B 237 -1.48 -19.53 4.00
CA ASN B 237 -0.87 -20.82 4.29
C ASN B 237 -1.66 -21.62 5.33
N ASN B 238 -2.29 -20.90 6.30
CA ASN B 238 -3.13 -21.47 7.34
C ASN B 238 -4.44 -22.01 6.81
N LEU B 239 -4.94 -21.46 5.69
CA LEU B 239 -6.22 -21.85 5.10
C LEU B 239 -6.07 -22.68 3.82
N ASN B 240 -4.83 -23.12 3.49
CA ASN B 240 -4.55 -23.89 2.28
C ASN B 240 -4.99 -23.16 1.04
N ILE B 241 -4.68 -21.87 0.99
CA ILE B 241 -4.96 -20.97 -0.11
C ILE B 241 -3.59 -20.59 -0.70
N ASN B 242 -3.53 -20.49 -2.05
CA ASN B 242 -2.31 -20.09 -2.73
C ASN B 242 -2.25 -18.55 -2.71
N VAL B 243 -1.27 -17.99 -2.00
CA VAL B 243 -1.14 -16.54 -1.90
C VAL B 243 -0.80 -15.85 -3.24
N LEU B 244 0.06 -16.50 -4.06
CA LEU B 244 0.52 -15.96 -5.34
C LEU B 244 -0.55 -15.84 -6.38
N ASP B 245 -1.44 -16.84 -6.43
CA ASP B 245 -2.59 -16.92 -7.31
C ASP B 245 -3.65 -15.91 -6.94
N VAL B 246 -3.82 -15.69 -5.63
CA VAL B 246 -4.78 -14.71 -5.12
C VAL B 246 -4.29 -13.26 -5.33
N ILE B 247 -2.98 -13.00 -5.12
CA ILE B 247 -2.43 -11.65 -5.39
C ILE B 247 -2.71 -11.31 -6.87
N GLU B 248 -2.39 -12.24 -7.79
CA GLU B 248 -2.59 -12.15 -9.24
C GLU B 248 -4.06 -11.90 -9.58
N MET B 249 -4.96 -12.60 -8.88
CA MET B 249 -6.40 -12.44 -8.98
C MET B 249 -6.82 -11.02 -8.56
N ALA B 250 -6.52 -10.63 -7.30
CA ALA B 250 -6.83 -9.32 -6.70
C ALA B 250 -6.26 -8.11 -7.45
N ASN B 251 -5.04 -8.25 -8.02
CA ASN B 251 -4.36 -7.18 -8.77
C ASN B 251 -4.99 -6.85 -10.14
N LYS B 252 -6.01 -7.62 -10.56
CA LYS B 252 -6.78 -7.35 -11.79
C LYS B 252 -7.60 -6.07 -11.60
N HIS B 253 -7.85 -5.66 -10.34
CA HIS B 253 -8.51 -4.39 -10.05
C HIS B 253 -7.50 -3.27 -10.40
N PRO B 254 -7.93 -2.29 -11.24
CA PRO B 254 -7.00 -1.21 -11.68
C PRO B 254 -6.29 -0.44 -10.58
N ARG B 255 -6.91 -0.32 -9.40
CA ARG B 255 -6.36 0.43 -8.27
C ARG B 255 -5.86 -0.46 -7.12
N VAL B 256 -5.59 -1.76 -7.40
CA VAL B 256 -5.08 -2.75 -6.44
C VAL B 256 -3.72 -3.23 -6.93
N ASN B 257 -2.66 -3.02 -6.11
CA ASN B 257 -1.30 -3.37 -6.50
C ASN B 257 -0.56 -4.11 -5.38
N ILE B 258 -1.11 -5.23 -4.92
CA ILE B 258 -0.52 -6.05 -3.84
C ILE B 258 0.88 -6.52 -4.22
N HIS B 259 1.81 -6.33 -3.31
CA HIS B 259 3.20 -6.66 -3.56
C HIS B 259 3.48 -8.15 -3.40
N GLN B 260 4.72 -8.55 -3.68
CA GLN B 260 5.19 -9.93 -3.56
C GLN B 260 5.71 -10.20 -2.15
N PRO B 261 5.36 -11.36 -1.56
CA PRO B 261 5.92 -11.70 -0.24
C PRO B 261 7.37 -12.19 -0.38
N GLY B 262 8.07 -12.31 0.74
CA GLY B 262 9.45 -12.74 0.75
C GLY B 262 9.98 -13.14 2.11
N PRO B 263 11.31 -13.28 2.23
CA PRO B 263 11.90 -13.70 3.51
C PRO B 263 12.07 -12.58 4.56
N GLY B 264 11.66 -11.38 4.19
CA GLY B 264 11.80 -10.17 5.00
C GLY B 264 12.25 -9.02 4.14
N VAL B 265 12.63 -7.90 4.79
CA VAL B 265 13.04 -6.67 4.13
C VAL B 265 14.39 -6.23 4.68
N GLY B 266 15.24 -5.63 3.84
CA GLY B 266 16.56 -5.17 4.24
C GLY B 266 16.89 -3.76 3.79
N GLY B 267 18.19 -3.46 3.72
CA GLY B 267 18.75 -2.17 3.33
C GLY B 267 18.13 -0.92 3.94
N HIS B 268 17.61 -0.04 3.06
CA HIS B 268 16.91 1.24 3.25
C HIS B 268 16.20 1.52 4.58
N CYS B 269 16.08 2.82 4.93
CA CYS B 269 15.41 3.30 6.14
C CYS B 269 14.17 4.14 5.84
N LEU B 270 13.18 4.14 6.77
CA LEU B 270 11.85 4.71 6.58
C LEU B 270 11.59 6.18 6.99
N ALA B 271 10.36 6.68 6.66
CA ALA B 271 9.81 8.03 6.93
C ALA B 271 9.55 8.31 8.44
N VAL B 272 10.54 7.95 9.28
CA VAL B 272 10.45 8.17 10.72
C VAL B 272 11.70 8.84 11.24
N ASP B 273 11.53 10.02 11.83
CA ASP B 273 12.65 10.72 12.45
C ASP B 273 12.78 10.13 13.88
N PRO B 274 14.01 9.79 14.32
CA PRO B 274 14.18 9.17 15.65
C PRO B 274 13.48 9.88 16.82
N TYR B 275 13.44 11.22 16.77
CA TYR B 275 12.82 12.02 17.82
C TYR B 275 11.30 12.21 17.74
N PHE B 276 10.82 13.25 17.03
CA PHE B 276 9.41 13.66 16.92
C PHE B 276 8.36 12.54 16.83
N ILE B 277 8.48 11.65 15.83
CA ILE B 277 7.49 10.59 15.58
C ILE B 277 7.80 9.17 16.11
N ILE B 278 8.65 9.08 17.16
CA ILE B 278 9.02 7.84 17.87
C ILE B 278 9.08 8.18 19.37
N ALA B 279 9.90 9.19 19.73
CA ALA B 279 10.08 9.66 21.11
C ALA B 279 8.94 10.57 21.58
N LYS B 280 8.30 11.34 20.68
CA LYS B 280 7.23 12.27 21.07
C LYS B 280 5.78 11.96 20.64
N ASP B 281 5.59 11.21 19.52
CA ASP B 281 4.26 10.82 19.00
C ASP B 281 4.29 9.43 18.27
N PRO B 282 4.57 8.31 19.01
CA PRO B 282 4.70 7.00 18.34
C PRO B 282 3.40 6.34 17.86
N GLU B 283 2.27 6.66 18.50
CA GLU B 283 0.96 6.11 18.14
C GLU B 283 0.50 6.68 16.79
N ASN B 284 1.19 7.75 16.33
CA ASN B 284 0.95 8.40 15.04
C ASN B 284 1.72 7.70 13.90
N ALA B 285 2.62 6.74 14.23
CA ALA B 285 3.41 5.91 13.29
C ALA B 285 3.12 4.40 13.52
N LYS B 286 1.90 4.10 14.01
CA LYS B 286 1.41 2.75 14.34
C LYS B 286 1.43 1.75 13.15
N LEU B 287 0.98 2.17 11.94
CA LEU B 287 0.98 1.33 10.74
C LEU B 287 2.38 0.99 10.30
N ILE B 288 3.27 2.01 10.27
CA ILE B 288 4.68 1.84 9.89
C ILE B 288 5.36 0.83 10.82
N GLN B 289 5.14 0.97 12.14
CA GLN B 289 5.68 0.09 13.20
C GLN B 289 5.24 -1.36 12.98
N THR B 290 3.93 -1.59 12.81
CA THR B 290 3.30 -2.88 12.56
C THR B 290 3.91 -3.52 11.30
N GLY B 291 4.04 -2.74 10.22
CA GLY B 291 4.65 -3.19 8.96
C GLY B 291 6.05 -3.71 9.15
N ARG B 292 6.84 -3.02 9.98
CA ARG B 292 8.22 -3.33 10.33
C ARG B 292 8.28 -4.61 11.18
N GLU B 293 7.35 -4.74 12.14
CA GLU B 293 7.20 -5.91 13.02
C GLU B 293 6.95 -7.16 12.20
N ILE B 294 6.03 -7.08 11.18
CA ILE B 294 5.67 -8.17 10.28
C ILE B 294 6.87 -8.55 9.44
N ASN B 295 7.56 -7.56 8.86
CA ASN B 295 8.75 -7.79 8.04
C ASN B 295 9.92 -8.39 8.81
N ASN B 296 10.06 -7.99 10.09
CA ASN B 296 11.09 -8.50 11.00
C ASN B 296 10.81 -9.95 11.41
N SER B 297 9.52 -10.36 11.43
CA SER B 297 9.10 -11.71 11.83
C SER B 297 9.25 -12.76 10.72
N MET B 298 9.47 -12.33 9.44
CA MET B 298 9.60 -13.25 8.31
C MET B 298 10.80 -14.19 8.40
N PRO B 299 12.03 -13.72 8.80
CA PRO B 299 13.12 -14.69 9.01
C PRO B 299 12.74 -15.87 9.92
N ALA B 300 12.10 -15.60 11.07
CA ALA B 300 11.65 -16.65 12.01
C ALA B 300 10.56 -17.55 11.39
N TYR B 301 9.65 -16.96 10.57
CA TYR B 301 8.59 -17.68 9.87
C TYR B 301 9.20 -18.68 8.86
N VAL B 302 10.25 -18.25 8.13
CA VAL B 302 10.99 -19.06 7.15
C VAL B 302 11.73 -20.19 7.90
N VAL B 303 12.39 -19.85 9.02
CA VAL B 303 13.10 -20.81 9.88
C VAL B 303 12.14 -21.89 10.43
N ASP B 304 10.96 -21.49 10.94
CA ASP B 304 9.94 -22.39 11.46
C ASP B 304 9.42 -23.33 10.35
N THR B 305 9.25 -22.79 9.13
CA THR B 305 8.81 -23.57 7.97
C THR B 305 9.90 -24.59 7.57
N THR B 306 11.17 -24.15 7.61
CA THR B 306 12.34 -24.97 7.30
C THR B 306 12.43 -26.13 8.28
N LYS B 307 12.36 -25.84 9.60
CA LYS B 307 12.39 -26.83 10.69
C LYS B 307 11.35 -27.96 10.47
N GLN B 308 10.15 -27.59 9.98
CA GLN B 308 9.07 -28.52 9.67
C GLN B 308 9.36 -29.39 8.44
N ILE B 309 10.03 -28.84 7.41
CA ILE B 309 10.40 -29.58 6.19
C ILE B 309 11.44 -30.65 6.55
N ILE B 310 12.45 -30.23 7.31
CA ILE B 310 13.57 -31.04 7.78
C ILE B 310 13.15 -32.12 8.79
N LYS B 311 11.98 -31.94 9.45
CA LYS B 311 11.40 -32.89 10.39
C LYS B 311 10.80 -34.06 9.59
N ALA B 312 10.03 -33.75 8.53
CA ALA B 312 9.39 -34.72 7.64
C ALA B 312 10.39 -35.50 6.78
N LEU B 313 11.64 -35.01 6.65
CA LEU B 313 12.68 -35.66 5.85
C LEU B 313 13.88 -36.16 6.65
N SER B 314 14.62 -37.13 6.09
CA SER B 314 15.82 -37.68 6.73
C SER B 314 17.00 -36.76 6.39
N GLY B 315 17.65 -36.25 7.43
CA GLY B 315 18.78 -35.33 7.30
C GLY B 315 18.62 -34.06 8.11
N ASN B 316 19.72 -33.29 8.19
CA ASN B 316 19.82 -32.03 8.92
C ASN B 316 20.28 -30.88 8.00
N LYS B 317 20.89 -31.25 6.84
CA LYS B 317 21.46 -30.31 5.88
C LYS B 317 20.49 -29.49 5.06
N VAL B 318 20.55 -28.15 5.24
CA VAL B 318 19.80 -27.14 4.50
C VAL B 318 20.80 -26.25 3.80
N THR B 319 20.68 -26.14 2.46
CA THR B 319 21.54 -25.27 1.67
C THR B 319 20.82 -23.97 1.36
N VAL B 320 21.31 -22.89 1.92
CA VAL B 320 20.79 -21.54 1.69
C VAL B 320 21.33 -21.05 0.33
N PHE B 321 20.43 -20.55 -0.53
CA PHE B 321 20.74 -20.00 -1.85
C PHE B 321 20.46 -18.48 -1.81
N GLY B 322 21.52 -17.71 -1.64
CA GLY B 322 21.45 -16.26 -1.55
C GLY B 322 21.50 -15.78 -0.11
N LEU B 323 22.39 -14.81 0.17
CA LEU B 323 22.59 -14.20 1.48
C LEU B 323 22.36 -12.67 1.45
N THR B 324 21.92 -12.15 0.30
CA THR B 324 21.69 -10.71 0.08
C THR B 324 20.21 -10.35 0.04
N TYR B 325 19.87 -9.07 0.32
CA TYR B 325 18.47 -8.63 0.23
C TYR B 325 18.07 -8.52 -1.24
N LYS B 326 18.81 -7.73 -2.01
CA LYS B 326 18.51 -7.58 -3.42
C LYS B 326 19.25 -8.64 -4.22
N GLY B 327 18.70 -8.99 -5.37
CA GLY B 327 19.31 -9.93 -6.29
C GLY B 327 20.41 -9.28 -7.11
N ASP B 328 21.44 -10.06 -7.46
CA ASP B 328 22.60 -9.67 -8.27
C ASP B 328 23.43 -8.51 -7.69
N VAL B 329 23.41 -8.40 -6.35
CA VAL B 329 24.14 -7.43 -5.55
C VAL B 329 25.00 -8.22 -4.53
N ASP B 330 26.15 -7.66 -4.09
CA ASP B 330 27.08 -8.31 -3.15
C ASP B 330 26.90 -7.79 -1.69
N ASP B 331 25.81 -7.02 -1.46
CA ASP B 331 25.47 -6.41 -0.17
C ASP B 331 24.74 -7.36 0.80
N ILE B 332 25.49 -7.82 1.83
CA ILE B 332 25.01 -8.72 2.89
C ILE B 332 24.51 -7.89 4.11
N ARG B 333 24.71 -6.56 4.04
CA ARG B 333 24.35 -5.59 5.07
C ARG B 333 22.84 -5.51 5.19
N GLU B 334 22.33 -5.66 6.43
CA GLU B 334 20.90 -5.63 6.78
C GLU B 334 20.10 -6.52 5.83
N SER B 335 20.48 -7.81 5.76
CA SER B 335 19.88 -8.80 4.88
C SER B 335 18.99 -9.80 5.64
N PRO B 336 17.72 -9.97 5.20
CA PRO B 336 16.87 -10.98 5.85
C PRO B 336 17.34 -12.42 5.53
N ALA B 337 17.99 -12.61 4.36
CA ALA B 337 18.56 -13.89 3.89
C ALA B 337 19.73 -14.32 4.81
N PHE B 338 20.58 -13.36 5.21
CA PHE B 338 21.70 -13.62 6.13
C PHE B 338 21.14 -13.87 7.49
N ASP B 339 20.09 -13.13 7.91
CA ASP B 339 19.42 -13.31 9.20
C ASP B 339 18.90 -14.72 9.38
N ILE B 340 18.38 -15.32 8.29
CA ILE B 340 17.87 -16.70 8.25
C ILE B 340 19.02 -17.68 8.41
N TYR B 341 20.10 -17.48 7.62
CA TYR B 341 21.31 -18.32 7.61
C TYR B 341 21.90 -18.44 9.02
N GLU B 342 22.09 -17.31 9.67
CA GLU B 342 22.62 -17.16 11.01
C GLU B 342 21.71 -17.84 12.06
N LEU B 343 20.36 -17.75 11.90
CA LEU B 343 19.35 -18.37 12.77
C LEU B 343 19.39 -19.87 12.59
N LEU B 344 19.51 -20.30 11.33
CA LEU B 344 19.60 -21.70 10.99
C LEU B 344 20.92 -22.29 11.52
N ASN B 345 22.03 -21.51 11.41
CA ASN B 345 23.34 -21.90 11.91
C ASN B 345 23.30 -22.08 13.43
N GLN B 346 22.69 -21.11 14.15
CA GLN B 346 22.51 -21.14 15.60
C GLN B 346 21.69 -22.36 16.02
N GLU B 347 20.63 -22.66 15.24
CA GLU B 347 19.70 -23.77 15.46
C GLU B 347 20.36 -25.16 15.45
N PRO B 348 20.26 -25.91 16.58
CA PRO B 348 20.76 -27.30 16.56
C PRO B 348 19.75 -28.16 15.80
N ASP B 349 20.15 -29.38 15.39
CA ASP B 349 19.32 -30.30 14.60
C ASP B 349 19.20 -29.83 13.13
N ILE B 350 19.96 -28.78 12.75
CA ILE B 350 20.04 -28.22 11.40
C ILE B 350 21.49 -27.88 11.08
N GLU B 351 22.00 -28.48 9.98
CA GLU B 351 23.35 -28.25 9.44
C GLU B 351 23.18 -27.33 8.22
N VAL B 352 23.61 -26.07 8.37
CA VAL B 352 23.45 -25.07 7.32
C VAL B 352 24.68 -24.89 6.43
N CYS B 353 24.43 -24.62 5.15
CA CYS B 353 25.48 -24.41 4.17
C CYS B 353 25.00 -23.30 3.20
N ALA B 354 25.69 -22.16 3.20
CA ALA B 354 25.33 -21.05 2.34
C ALA B 354 25.97 -21.10 0.97
N TYR B 355 25.19 -20.79 -0.07
CA TYR B 355 25.63 -20.68 -1.45
C TYR B 355 25.21 -19.32 -2.03
N ASP B 356 26.19 -18.47 -2.38
CA ASP B 356 25.94 -17.19 -3.04
C ASP B 356 27.10 -16.82 -3.99
N PRO B 357 26.86 -16.80 -5.32
CA PRO B 357 27.94 -16.46 -6.26
C PRO B 357 28.43 -15.01 -6.18
N HIS B 358 27.60 -14.10 -5.65
CA HIS B 358 27.88 -12.68 -5.51
C HIS B 358 28.58 -12.34 -4.20
N VAL B 359 28.46 -13.21 -3.16
CA VAL B 359 29.07 -13.01 -1.83
C VAL B 359 30.44 -13.72 -1.70
N GLU B 360 31.50 -12.92 -1.45
CA GLU B 360 32.87 -13.41 -1.35
C GLU B 360 33.40 -13.80 0.05
N LEU B 361 32.51 -13.84 1.08
CA LEU B 361 32.92 -14.23 2.45
C LEU B 361 33.57 -15.63 2.53
N ASP B 362 34.39 -15.83 3.59
CA ASP B 362 35.12 -17.07 3.84
C ASP B 362 34.18 -18.30 3.95
N PHE B 363 33.18 -18.20 4.85
CA PHE B 363 32.18 -19.23 5.14
C PHE B 363 31.22 -19.61 4.01
N VAL B 364 31.04 -18.72 3.01
CA VAL B 364 30.14 -18.94 1.87
C VAL B 364 30.75 -19.98 0.93
N GLU B 365 29.96 -21.01 0.56
CA GLU B 365 30.41 -22.03 -0.38
C GLU B 365 30.36 -21.49 -1.81
N HIS B 366 31.52 -21.50 -2.47
CA HIS B 366 31.75 -20.99 -3.81
C HIS B 366 31.19 -21.89 -4.94
N ASP B 367 31.11 -23.22 -4.70
CA ASP B 367 30.59 -24.20 -5.67
C ASP B 367 29.24 -24.79 -5.24
N MET B 368 28.22 -24.67 -6.12
CA MET B 368 26.85 -25.22 -6.00
C MET B 368 26.77 -26.72 -5.68
N SER B 369 27.42 -27.58 -6.49
CA SER B 369 27.43 -29.05 -6.35
C SER B 369 27.94 -29.48 -4.97
N HIS B 370 29.02 -28.83 -4.49
CA HIS B 370 29.63 -29.06 -3.18
C HIS B 370 28.67 -28.60 -2.07
N ALA B 371 27.93 -27.48 -2.31
CA ALA B 371 26.96 -26.90 -1.38
C ALA B 371 25.69 -27.74 -1.23
N VAL B 372 25.15 -28.27 -2.34
CA VAL B 372 23.94 -29.10 -2.36
C VAL B 372 24.21 -30.56 -1.89
N LYS B 373 25.50 -30.94 -1.78
CA LYS B 373 25.96 -32.26 -1.38
C LYS B 373 25.37 -32.77 -0.06
N ASP B 374 24.51 -33.78 -0.19
CA ASP B 374 23.77 -34.55 0.82
C ASP B 374 22.72 -33.75 1.59
N ALA B 375 22.28 -32.62 0.99
CA ALA B 375 21.28 -31.73 1.59
C ALA B 375 19.86 -32.27 1.41
N SER B 376 19.03 -32.07 2.45
CA SER B 376 17.62 -32.46 2.46
C SER B 376 16.72 -31.36 1.86
N LEU B 377 17.13 -30.06 1.95
CA LEU B 377 16.38 -28.91 1.44
C LEU B 377 17.27 -27.78 0.90
N VAL B 378 16.91 -27.23 -0.28
CA VAL B 378 17.54 -26.03 -0.88
C VAL B 378 16.61 -24.84 -0.58
N LEU B 379 17.13 -23.88 0.20
CA LEU B 379 16.37 -22.73 0.62
C LEU B 379 16.73 -21.49 -0.21
N ILE B 380 15.79 -21.03 -1.06
CA ILE B 380 16.03 -19.83 -1.87
C ILE B 380 15.55 -18.52 -1.18
N LEU B 381 16.53 -17.69 -0.78
CA LEU B 381 16.34 -16.45 -0.02
C LEU B 381 16.68 -15.17 -0.77
N SER B 382 17.34 -15.28 -1.97
CA SER B 382 17.68 -14.14 -2.85
C SER B 382 17.22 -14.39 -4.27
N ASP B 383 16.80 -13.34 -4.98
CA ASP B 383 16.34 -13.44 -6.37
C ASP B 383 17.46 -13.16 -7.41
N HIS B 384 18.62 -13.85 -7.25
CA HIS B 384 19.74 -13.75 -8.16
C HIS B 384 19.35 -14.32 -9.52
N SER B 385 19.77 -13.64 -10.61
CA SER B 385 19.50 -14.02 -12.01
C SER B 385 19.85 -15.47 -12.30
N GLU B 386 20.96 -15.95 -11.70
CA GLU B 386 21.48 -17.32 -11.83
C GLU B 386 20.47 -18.37 -11.38
N PHE B 387 19.62 -18.02 -10.41
CA PHE B 387 18.62 -18.90 -9.83
C PHE B 387 17.36 -19.10 -10.68
N LYS B 388 17.20 -18.28 -11.74
CA LYS B 388 16.02 -18.32 -12.62
C LYS B 388 16.00 -19.59 -13.46
N ASN B 389 17.14 -19.88 -14.09
CA ASN B 389 17.36 -21.02 -14.99
C ASN B 389 18.19 -22.12 -14.33
N LEU B 390 17.54 -22.88 -13.41
CA LEU B 390 18.14 -24.01 -12.70
C LEU B 390 17.38 -25.30 -13.07
N SER B 391 18.11 -26.32 -13.54
CA SER B 391 17.54 -27.62 -13.92
C SER B 391 17.79 -28.66 -12.82
N ASP B 392 17.23 -29.89 -12.95
CA ASP B 392 17.36 -31.00 -11.99
C ASP B 392 18.83 -31.45 -11.83
N SER B 393 19.65 -31.18 -12.88
CA SER B 393 21.08 -31.49 -12.99
C SER B 393 21.90 -30.87 -11.86
N HIS B 394 21.53 -29.64 -11.43
CA HIS B 394 22.18 -28.86 -10.37
C HIS B 394 21.99 -29.44 -8.98
N PHE B 395 20.87 -30.12 -8.77
CA PHE B 395 20.46 -30.69 -7.48
C PHE B 395 20.70 -32.21 -7.37
N ASP B 396 21.47 -32.83 -8.31
CA ASP B 396 21.75 -34.27 -8.30
C ASP B 396 22.39 -34.79 -7.01
N LYS B 397 23.30 -34.01 -6.42
CA LYS B 397 24.05 -34.34 -5.19
C LYS B 397 23.23 -34.27 -3.86
N MET B 398 21.92 -33.92 -3.94
CA MET B 398 21.05 -33.80 -2.76
C MET B 398 20.54 -35.13 -2.21
N LYS B 399 20.39 -35.20 -0.86
CA LYS B 399 19.83 -36.37 -0.15
C LYS B 399 18.34 -36.46 -0.45
N HIS B 400 17.69 -35.29 -0.67
CA HIS B 400 16.28 -35.13 -1.03
C HIS B 400 16.18 -33.91 -1.94
N LYS B 401 15.70 -34.10 -3.17
CA LYS B 401 15.58 -32.99 -4.12
C LYS B 401 14.33 -32.11 -3.86
N VAL B 402 14.38 -31.28 -2.80
CA VAL B 402 13.29 -30.36 -2.45
C VAL B 402 13.76 -28.90 -2.37
N ILE B 403 12.99 -27.99 -2.97
CA ILE B 403 13.26 -26.55 -3.01
C ILE B 403 12.10 -25.76 -2.37
N PHE B 404 12.41 -24.89 -1.37
CA PHE B 404 11.47 -23.93 -0.80
C PHE B 404 11.97 -22.53 -1.19
N ASP B 405 11.30 -21.95 -2.19
CA ASP B 405 11.66 -20.66 -2.75
C ASP B 405 10.82 -19.54 -2.15
N THR B 406 11.43 -18.73 -1.28
CA THR B 406 10.79 -17.62 -0.59
C THR B 406 10.70 -16.37 -1.49
N LYS B 407 11.37 -16.39 -2.65
CA LYS B 407 11.44 -15.27 -3.61
C LYS B 407 10.69 -15.48 -4.94
N ASN B 408 10.24 -16.73 -5.24
CA ASN B 408 9.55 -17.13 -6.48
C ASN B 408 10.40 -16.75 -7.73
N VAL B 409 11.70 -17.10 -7.66
CA VAL B 409 12.71 -16.79 -8.68
C VAL B 409 12.89 -17.89 -9.75
N VAL B 410 12.76 -19.18 -9.36
CA VAL B 410 12.92 -20.30 -10.29
C VAL B 410 11.79 -20.33 -11.31
N LYS B 411 12.16 -20.20 -12.59
CA LYS B 411 11.17 -20.18 -13.67
C LYS B 411 11.15 -21.47 -14.51
N SER B 412 12.16 -22.35 -14.32
CA SER B 412 12.28 -23.64 -15.01
C SER B 412 11.55 -24.75 -14.26
N SER B 413 10.67 -25.52 -14.94
CA SER B 413 9.93 -26.62 -14.32
C SER B 413 10.82 -27.87 -14.20
N PHE B 414 10.59 -28.68 -13.15
CA PHE B 414 11.35 -29.88 -12.85
C PHE B 414 10.47 -31.15 -12.93
N GLU B 415 11.06 -32.32 -12.59
CA GLU B 415 10.38 -33.61 -12.53
C GLU B 415 10.86 -34.36 -11.28
N ASP B 416 12.19 -34.59 -11.18
CA ASP B 416 12.82 -35.28 -10.02
C ASP B 416 12.73 -34.40 -8.77
N VAL B 417 12.80 -33.05 -8.96
CA VAL B 417 12.83 -32.05 -7.90
C VAL B 417 11.43 -31.58 -7.50
N LEU B 418 11.14 -31.56 -6.19
CA LEU B 418 9.88 -31.06 -5.64
C LEU B 418 10.04 -29.55 -5.35
N TYR B 419 9.37 -28.70 -6.15
CA TYR B 419 9.45 -27.25 -6.02
C TYR B 419 8.28 -26.60 -5.27
N TYR B 420 8.62 -25.81 -4.24
CA TYR B 420 7.64 -25.09 -3.44
C TYR B 420 7.88 -23.58 -3.42
N ASN B 421 6.77 -22.85 -3.31
CA ASN B 421 6.59 -21.40 -3.27
C ASN B 421 6.05 -21.05 -1.89
N TYR B 422 5.62 -19.81 -1.71
CA TYR B 422 4.86 -19.37 -0.55
C TYR B 422 3.41 -19.72 -0.86
N GLY B 423 3.11 -19.85 -2.15
CA GLY B 423 1.82 -20.22 -2.68
C GLY B 423 1.42 -21.66 -2.43
N ASN B 424 2.37 -22.59 -2.33
CA ASN B 424 1.98 -24.01 -2.15
C ASN B 424 2.73 -24.77 -1.08
N ILE B 425 3.53 -24.09 -0.25
CA ILE B 425 4.30 -24.75 0.80
C ILE B 425 3.45 -25.62 1.78
N PHE B 426 2.18 -25.22 2.01
CA PHE B 426 1.22 -25.93 2.87
C PHE B 426 0.93 -27.39 2.41
N ASN B 427 1.19 -27.69 1.11
CA ASN B 427 1.00 -29.02 0.49
C ASN B 427 2.04 -30.00 1.03
N PHE B 428 3.26 -29.51 1.31
CA PHE B 428 4.31 -30.35 1.84
C PHE B 428 3.93 -30.87 3.22
N ILE B 429 3.59 -29.94 4.16
CA ILE B 429 3.24 -30.21 5.56
C ILE B 429 1.89 -30.93 5.71
PA NAD C . -29.39 -4.75 2.49
O1A NAD C . -29.50 -4.56 3.96
O2A NAD C . -29.74 -3.52 1.75
O5B NAD C . -30.36 -5.96 2.04
C5B NAD C . -30.44 -7.16 2.77
C4B NAD C . -31.88 -7.64 2.71
O4B NAD C . -31.94 -9.03 3.00
C3B NAD C . -32.81 -6.93 3.70
O3B NAD C . -33.99 -6.53 3.01
C2B NAD C . -33.17 -8.03 4.70
O2B NAD C . -34.46 -7.91 5.26
C1B NAD C . -33.05 -9.29 3.85
N9A NAD C . -32.77 -10.47 4.70
C8A NAD C . -31.97 -10.51 5.81
N7A NAD C . -31.90 -11.78 6.26
C5A NAD C . -32.64 -12.56 5.45
C6A NAD C . -32.91 -13.93 5.46
N6A NAD C . -32.37 -14.70 6.42
N1A NAD C . -33.72 -14.46 4.47
C2A NAD C . -34.26 -13.63 3.49
N3A NAD C . -33.99 -12.27 3.48
C4A NAD C . -33.19 -11.76 4.44
O3 NAD C . -27.89 -5.26 2.16
PN NAD C . -27.19 -5.12 0.72
O1N NAD C . -26.62 -3.76 0.62
O2N NAD C . -28.11 -5.61 -0.34
O5D NAD C . -25.97 -6.12 0.84
C5D NAD C . -26.09 -7.40 1.42
C4D NAD C . -24.69 -7.96 1.62
O4D NAD C . -24.02 -8.06 0.38
C3D NAD C . -23.78 -7.05 2.43
O3D NAD C . -24.02 -7.02 3.83
C2D NAD C . -22.44 -7.64 2.06
O2D NAD C . -22.33 -8.92 2.64
C1D NAD C . -22.62 -7.86 0.58
N1N NAD C . -22.09 -6.67 -0.13
C2N NAD C . -22.90 -5.62 -0.51
C3N NAD C . -22.34 -4.51 -1.15
C7N NAD C . -23.21 -3.58 -1.95
O7N NAD C . -22.82 -3.29 -3.29
N7N NAD C . -24.32 -3.08 -1.40
C4N NAD C . -20.96 -4.46 -1.37
C5N NAD C . -20.14 -5.52 -0.96
C6N NAD C . -20.74 -6.61 -0.33
N1 PDC D . -14.56 3.23 -4.93
C2 PDC D . -14.91 4.16 -5.83
C3 PDC D . -14.83 5.56 -5.49
C4 PDC D . -14.44 5.93 -4.18
C5 PDC D . -14.11 4.94 -3.24
C6 PDC D . -14.17 3.58 -3.67
C7 PDC D . -15.32 3.72 -7.16
O1 PDC D . -15.29 2.53 -7.42
O2 PDC D . -15.68 4.61 -8.09
C8 PDC D . -13.83 2.47 -2.78
O3 PDC D . -13.46 2.64 -1.61
O4 PDC D . -14.01 1.27 -3.44
N1 PDC E . -16.57 0.19 -5.85
C2 PDC E . -16.03 -0.48 -6.88
C3 PDC E . -16.82 -1.23 -7.83
C4 PDC E . -18.20 -1.22 -7.70
C5 PDC E . -18.74 -0.53 -6.64
C6 PDC E . -17.90 0.19 -5.72
C7 PDC E . -14.59 -0.45 -7.09
O1 PDC E . -13.88 0.19 -6.26
O2 PDC E . -14.24 -1.19 -8.23
C8 PDC E . -18.51 0.90 -4.56
O3 PDC E . -19.69 0.87 -4.34
O4 PDC E . -17.68 1.51 -3.69
N1 PDC F . -12.15 -0.56 -4.41
C2 PDC F . -10.86 -0.22 -4.60
C3 PDC F . -9.89 -1.12 -4.18
C4 PDC F . -10.30 -2.30 -3.57
C5 PDC F . -11.62 -2.61 -3.34
C6 PDC F . -12.53 -1.67 -3.78
C7 PDC F . -10.56 1.04 -5.29
O1 PDC F . -11.52 1.71 -5.63
O2 PDC F . -9.33 1.45 -5.50
C8 PDC F . -13.98 -1.83 -3.65
O3 PDC F . -14.40 -2.83 -3.12
O4 PDC F . -14.80 -0.86 -4.17
EU EU G . -14.48 0.89 -5.14
EU EU H . 14.39 0.21 -6.16
N1 PDC I . 14.58 -1.59 -6.88
C2 PDC I . 14.48 -2.23 -5.66
C3 PDC I . 14.39 -3.65 -5.54
C4 PDC I . 14.40 -4.40 -6.72
C5 PDC I . 14.53 -3.70 -7.95
C6 PDC I . 14.63 -2.28 -8.03
C7 PDC I . 14.46 -1.40 -4.46
O1 PDC I . 14.40 -1.88 -3.32
O2 PDC I . 14.58 -0.10 -4.72
C8 PDC I . 14.70 -1.59 -9.39
O3 PDC I . 14.72 -2.18 -10.43
O4 PDC I . 14.76 -0.28 -9.54
PA NAD J . 29.07 3.32 0.91
O1A NAD J . 29.26 2.61 2.19
O2A NAD J . 29.36 2.47 -0.25
O5B NAD J . 30.04 4.60 0.89
C5B NAD J . 30.19 5.44 2.01
C4B NAD J . 31.62 5.92 2.04
O4B NAD J . 31.70 7.10 2.82
C3B NAD J . 32.59 4.89 2.62
O3B NAD J . 33.73 4.79 1.78
C2B NAD J . 33.01 5.54 3.93
O2B NAD J . 34.33 5.20 4.34
C1B NAD J . 32.86 7.02 3.63
N9A NAD J . 32.68 7.80 4.87
C8A NAD J . 31.93 7.42 5.96
N7A NAD J . 31.90 8.45 6.85
C5A NAD J . 32.64 9.46 6.33
C6A NAD J . 32.96 10.73 6.82
N6A NAD J . 32.50 11.08 8.02
N1A NAD J . 33.75 11.58 6.05
C2A NAD J . 34.21 11.18 4.80
N3A NAD J . 33.89 9.93 4.32
C4A NAD J . 33.12 9.08 5.07
O3 NAD J . 27.57 3.93 0.87
PN NAD J . 26.80 4.35 -0.48
O1N NAD J . 26.21 3.12 -1.04
O2N NAD J . 27.69 5.20 -1.31
O5D NAD J . 25.59 5.22 0.06
C5D NAD J . 25.77 6.19 1.05
C4D NAD J . 24.39 6.64 1.50
O4D NAD J . 23.67 7.20 0.41
C3D NAD J . 23.47 5.51 1.98
O3D NAD J . 23.75 4.97 3.25
C2D NAD J . 22.14 6.20 1.90
O2D NAD J . 22.10 7.20 2.89
C1D NAD J . 22.28 6.94 0.58
N1N NAD J . 21.69 6.08 -0.47
C2N NAD J . 22.47 5.22 -1.23
C3N NAD J . 21.85 4.39 -2.18
C7N NAD J . 22.66 3.80 -3.30
O7N NAD J . 22.14 3.88 -4.61
N7N NAD J . 23.83 3.18 -3.03
C4N NAD J . 20.46 4.42 -2.33
C5N NAD J . 19.68 5.26 -1.53
C6N NAD J . 20.32 6.06 -0.59
N1 PDC K . 16.34 1.10 -7.02
C2 PDC K . 15.83 2.09 -7.77
C3 PDC K . 16.64 3.02 -8.46
C4 PDC K . 18.01 2.85 -8.39
C5 PDC K . 18.52 1.81 -7.58
C6 PDC K . 17.65 0.95 -6.92
C7 PDC K . 14.40 2.22 -7.86
O1 PDC K . 13.73 1.38 -7.24
O2 PDC K . 13.93 3.26 -8.65
C8 PDC K . 18.20 -0.13 -6.08
O3 PDC K . 19.38 -0.31 -5.94
O4 PDC K . 17.36 -0.94 -5.46
N1 PDC L . 12.26 1.50 -4.70
C2 PDC L . 11.07 0.93 -4.91
C3 PDC L . 9.99 1.44 -4.18
C4 PDC L . 10.27 2.46 -3.25
C5 PDC L . 11.57 2.99 -3.10
C6 PDC L . 12.56 2.47 -3.89
C7 PDC L . 11.03 -0.16 -5.93
O1 PDC L . 9.98 -0.72 -6.22
O2 PDC L . 12.20 -0.51 -6.55
C8 PDC L . 13.97 2.89 -3.93
O3 PDC L . 14.39 3.82 -3.24
O4 PDC L . 14.79 2.23 -4.77
#